data_7C9W
#
_entry.id   7C9W
#
loop_
_entity.id
_entity.type
_entity.pdbx_description
1 polymer VP1
2 polymer VP2
3 polymer VP3
4 polymer VP4
5 polymer 'Complement decay-accelerating factor'
6 non-polymer SPHINGOSINE
7 non-polymer 'MYRISTIC ACID'
#
loop_
_entity_poly.entity_id
_entity_poly.type
_entity_poly.pdbx_seq_one_letter_code
_entity_poly.pdbx_strand_id
1 'polypeptide(L)'
;NDPESALNRAVGRVADTVASGPVNTEQIPALTAVETGHTSQVVPSDTMQTRHVINYHTRSESSIENFMGRAACVYIAQYA
TEKVNDELDRYTNWEITTRQVAQLRRKLEMFTYMRFDLEITFVITSSQRTSTTYASDSPPLTHQVMYVPPGGPIPKSYED
FAWQTSTNPSVFWTEGNAPPRMSIPFMSVGNAYCNFYDGWSHFSQSGVYGYTTLNNMGHLYFRHVNKSTAYPVNSVARVY
FKPKHVKAWVPRAPRLCPYLKARNVNFNVQGVTESRNKITLDRSTHNPLANT
;
A
2 'polypeptide(L)'
;SPTVEECGYSDRVRSITLGNSTITTQECANVVVGYGVWPTYLSDHEATAVDQPTQPDVATCRFYTLESVKWESSSAGWWW
KFPEALSDMGLFGQNMQYHYLGRTGYTIHVQCNASKFHQGCLLVVCVPEAEMGAATTDHAFNHTKLSNIGQAMEFSAKKS
TDQTGPQTAVHNAGMGVAVGNLTIFPHQWINLRTNNSATIVMPYINSVPMDNMYRHYNFTLMVIPFAKLEHSPQASTYVP
ITVTVAPMCAEYNGLRLAGHQ
;
B
3 'polypeptide(L)'
;GLPTMNTPGSTQFLTSDDFQSPSAMPQFDVTPEIQIPGQVRNLMEIAEVDSVVPVNNTEGHVNSMEAYRIPVRPQTSSGE
QVFGFQLQPGHDSVLKHTLLGEILNYYANWSGSMKLTFMYCGAAMATGKFLIAYSPPGAGVPGSRRDAMLGTHVIWDVGL
QSSCVLCVPWISQTNYRYVTSDAYTDAGYITCWYQTSIVTPPDIPTTSTILCFVSACNDFSVRLLRDTPFITQQALFQ
;
C
4 'polypeptide(L)' GAQVSTQKTGAHETGLNASGNSIIHYTNINYYKDSASNSLNRQDFTQDPSKFTEPVKDVMIKTLPALN D
5 'polypeptide(L)'
;CNRSCEVPTRLNSASLKQPYITQNYFPVGTVVEYECRPGYRREPSLSPKLTCLQNLKWSTAVEFCKKKSCPNPGEIRNGQ
IDVPGGILFGATISFSCNTGYKLFGSTSSFCLISGSSVQWSDPLPECREIYCPAPPQIDNGIIQGERDHYGYRQSVTYAC
NKGFTMIGEHSIYCTVNNDEGEWSGPPPECRG
;
E
#
# COMPACT_ATOMS: atom_id res chain seq x y z
N ARG A 9 23.61 11.76 -25.82
CA ARG A 9 22.39 11.07 -26.22
C ARG A 9 21.16 11.84 -25.75
N ALA A 10 20.02 11.56 -26.37
CA ALA A 10 18.79 12.23 -26.01
C ALA A 10 18.28 11.74 -24.66
N VAL A 11 17.27 12.43 -24.14
CA VAL A 11 16.70 12.05 -22.86
C VAL A 11 15.84 10.80 -23.01
N GLY A 12 15.78 10.01 -21.95
CA GLY A 12 15.02 8.78 -21.96
C GLY A 12 15.58 7.69 -22.84
N ARG A 13 16.84 7.81 -23.25
CA ARG A 13 17.47 6.85 -24.14
C ARG A 13 18.36 5.94 -23.31
N VAL A 14 18.13 4.63 -23.42
CA VAL A 14 18.84 3.68 -22.58
C VAL A 14 20.29 3.57 -23.03
N ALA A 15 21.16 3.21 -22.11
CA ALA A 15 22.58 3.20 -22.37
C ALA A 15 22.99 1.96 -23.15
N ASP A 16 24.06 2.10 -23.92
CA ASP A 16 24.59 1.04 -24.77
C ASP A 16 25.74 0.33 -24.08
N THR A 17 26.14 -0.80 -24.65
CA THR A 17 27.19 -1.63 -24.07
C THR A 17 28.52 -1.33 -24.74
N VAL A 18 29.51 -0.96 -23.92
CA VAL A 18 30.85 -0.70 -24.42
C VAL A 18 31.55 -2.02 -24.71
N ALA A 19 32.66 -1.93 -25.45
CA ALA A 19 33.45 -3.09 -25.77
C ALA A 19 34.20 -3.57 -24.53
N SER A 20 34.55 -4.85 -24.52
CA SER A 20 35.31 -5.41 -23.42
C SER A 20 36.24 -6.51 -23.94
N GLY A 21 37.22 -6.85 -23.11
CA GLY A 21 38.20 -7.84 -23.47
C GLY A 21 38.39 -8.87 -22.38
N PRO A 22 39.23 -9.87 -22.64
CA PRO A 22 39.43 -10.94 -21.65
C PRO A 22 40.31 -10.49 -20.51
N VAL A 23 39.73 -10.20 -19.36
CA VAL A 23 40.46 -9.61 -18.26
C VAL A 23 40.97 -10.70 -17.33
N ASN A 24 41.99 -10.36 -16.55
CA ASN A 24 42.50 -11.19 -15.46
C ASN A 24 43.07 -10.21 -14.44
N THR A 25 42.24 -9.81 -13.48
CA THR A 25 42.55 -8.66 -12.66
C THR A 25 41.96 -8.83 -11.26
N GLU A 26 42.39 -7.94 -10.36
CA GLU A 26 41.92 -7.91 -8.99
C GLU A 26 40.60 -7.16 -8.83
N GLN A 27 40.01 -6.70 -9.92
CA GLN A 27 38.72 -6.02 -9.88
C GLN A 27 37.61 -7.06 -9.95
N ILE A 28 36.71 -7.03 -8.99
CA ILE A 28 35.58 -7.97 -8.98
C ILE A 28 34.26 -7.22 -9.12
N PRO A 29 33.77 -7.02 -10.34
CA PRO A 29 32.46 -6.39 -10.50
C PRO A 29 31.29 -7.30 -10.19
N ALA A 30 31.51 -8.61 -10.08
CA ALA A 30 30.42 -9.53 -9.85
C ALA A 30 30.17 -9.80 -8.38
N LEU A 31 31.21 -9.74 -7.55
CA LEU A 31 31.05 -9.98 -6.12
C LEU A 31 30.67 -8.68 -5.42
N THR A 32 29.65 -8.76 -4.57
CA THR A 32 29.07 -7.58 -3.92
C THR A 32 28.51 -8.02 -2.58
N ALA A 33 27.68 -7.18 -1.98
CA ALA A 33 27.00 -7.53 -0.73
C ALA A 33 25.60 -6.96 -0.75
N VAL A 34 24.60 -7.84 -0.67
CA VAL A 34 23.21 -7.40 -0.60
C VAL A 34 22.88 -6.89 0.81
N GLU A 35 23.69 -7.26 1.80
CA GLU A 35 23.49 -6.83 3.18
C GLU A 35 23.54 -5.31 3.33
N THR A 36 24.27 -4.63 2.44
CA THR A 36 24.28 -3.18 2.41
C THR A 36 22.99 -2.58 1.85
N GLY A 37 22.09 -3.39 1.32
CA GLY A 37 20.86 -2.88 0.73
C GLY A 37 21.09 -2.12 -0.56
N HIS A 38 22.07 -2.53 -1.35
CA HIS A 38 22.47 -1.82 -2.56
C HIS A 38 22.33 -2.77 -3.73
N THR A 39 21.51 -2.38 -4.70
CA THR A 39 21.35 -3.16 -5.92
C THR A 39 22.59 -2.98 -6.78
N SER A 40 23.05 -4.06 -7.39
CA SER A 40 24.29 -4.01 -8.14
C SER A 40 24.11 -3.25 -9.45
N GLN A 41 25.21 -2.65 -9.91
CA GLN A 41 25.22 -1.91 -11.16
C GLN A 41 26.05 -2.61 -12.22
N VAL A 42 25.95 -3.94 -12.31
CA VAL A 42 26.78 -4.72 -13.20
C VAL A 42 26.28 -4.56 -14.64
N VAL A 43 27.10 -3.96 -15.48
CA VAL A 43 26.88 -3.89 -16.92
C VAL A 43 27.13 -5.31 -17.44
N PRO A 44 26.45 -5.78 -18.49
CA PRO A 44 26.80 -7.08 -19.08
C PRO A 44 28.23 -7.19 -19.59
N SER A 45 28.88 -6.07 -19.91
CA SER A 45 30.26 -6.07 -20.34
C SER A 45 31.24 -6.20 -19.18
N ASP A 46 30.77 -6.45 -17.96
CA ASP A 46 31.64 -6.65 -16.82
C ASP A 46 31.94 -8.12 -16.56
N THR A 47 31.00 -9.02 -16.86
CA THR A 47 31.17 -10.44 -16.56
C THR A 47 31.38 -11.29 -17.80
N MET A 48 31.49 -10.69 -18.97
CA MET A 48 31.73 -11.43 -20.21
C MET A 48 32.31 -10.47 -21.24
N GLN A 49 32.51 -10.99 -22.45
CA GLN A 49 32.97 -10.17 -23.58
C GLN A 49 31.77 -9.77 -24.41
N THR A 50 31.55 -8.46 -24.55
CA THR A 50 30.49 -7.94 -25.40
C THR A 50 31.07 -7.02 -26.47
N ARG A 51 30.30 -6.84 -27.53
CA ARG A 51 30.66 -5.96 -28.62
C ARG A 51 30.26 -4.53 -28.26
N HIS A 52 30.29 -3.64 -29.25
CA HIS A 52 29.80 -2.27 -29.08
C HIS A 52 28.53 -2.13 -29.90
N VAL A 53 27.39 -2.39 -29.28
CA VAL A 53 26.11 -2.13 -29.90
C VAL A 53 25.66 -0.74 -29.49
N ILE A 54 24.77 -0.14 -30.28
CA ILE A 54 24.22 1.18 -29.98
C ILE A 54 22.73 1.02 -29.80
N ASN A 55 22.24 1.30 -28.60
CA ASN A 55 20.83 1.11 -28.28
C ASN A 55 20.08 2.41 -28.53
N TYR A 56 19.14 2.38 -29.48
CA TYR A 56 18.26 3.51 -29.74
C TYR A 56 16.95 3.40 -28.99
N HIS A 57 16.85 2.49 -28.02
CA HIS A 57 15.59 2.20 -27.36
C HIS A 57 15.25 3.29 -26.35
N THR A 58 14.11 3.94 -26.53
CA THR A 58 13.66 5.01 -25.68
C THR A 58 12.78 4.42 -24.58
N ARG A 59 12.73 5.10 -23.44
CA ARG A 59 11.91 4.73 -22.29
C ARG A 59 10.64 5.58 -22.23
N SER A 60 9.98 5.78 -23.38
CA SER A 60 8.86 6.71 -23.47
C SER A 60 7.63 6.19 -22.74
N GLU A 61 7.28 4.93 -22.94
CA GLU A 61 6.04 4.37 -22.44
C GLU A 61 6.09 3.99 -20.97
N SER A 62 7.13 4.40 -20.24
CA SER A 62 7.27 4.06 -18.85
C SER A 62 7.04 5.22 -17.90
N SER A 63 7.11 6.45 -18.39
CA SER A 63 6.93 7.62 -17.54
C SER A 63 5.50 7.70 -17.02
N ILE A 64 5.35 8.40 -15.91
CA ILE A 64 4.08 8.41 -15.17
C ILE A 64 2.99 9.13 -15.97
N GLU A 65 3.37 10.06 -16.86
CA GLU A 65 2.37 10.67 -17.72
C GLU A 65 1.94 9.72 -18.83
N ASN A 66 2.86 8.93 -19.37
CA ASN A 66 2.50 7.94 -20.38
C ASN A 66 1.85 6.72 -19.76
N PHE A 67 2.15 6.42 -18.50
CA PHE A 67 1.60 5.26 -17.83
C PHE A 67 0.17 5.54 -17.35
N MET A 68 0.01 6.53 -16.50
CA MET A 68 -1.30 6.84 -15.95
C MET A 68 -2.20 7.57 -16.93
N GLY A 69 -1.65 8.15 -17.99
CA GLY A 69 -2.42 8.96 -18.89
C GLY A 69 -3.30 8.23 -19.88
N ARG A 70 -4.11 7.29 -19.39
CA ARG A 70 -5.10 6.61 -20.20
C ARG A 70 -6.39 6.50 -19.39
N ALA A 71 -7.51 6.80 -20.03
CA ALA A 71 -8.78 6.95 -19.32
C ALA A 71 -9.33 5.59 -18.91
N ALA A 72 -9.66 5.45 -17.63
CA ALA A 72 -10.18 4.22 -17.08
C ALA A 72 -11.48 4.48 -16.35
N CYS A 73 -12.45 3.58 -16.55
CA CYS A 73 -13.77 3.74 -15.95
C CYS A 73 -13.71 3.53 -14.44
N VAL A 74 -14.53 4.29 -13.71
CA VAL A 74 -14.52 4.24 -12.25
C VAL A 74 -15.89 3.97 -11.65
N TYR A 75 -16.99 4.16 -12.37
CA TYR A 75 -18.32 3.91 -11.80
C TYR A 75 -19.29 3.60 -12.92
N ILE A 76 -20.38 2.93 -12.56
CA ILE A 76 -21.48 2.61 -13.46
C ILE A 76 -22.74 3.13 -12.76
N ALA A 77 -23.15 4.34 -13.08
CA ALA A 77 -24.25 5.00 -12.38
C ALA A 77 -25.56 4.72 -13.09
N GLN A 78 -26.49 4.07 -12.40
CA GLN A 78 -27.76 3.66 -12.99
C GLN A 78 -28.88 4.54 -12.46
N TYR A 79 -29.73 5.02 -13.36
CA TYR A 79 -30.92 5.79 -13.00
C TYR A 79 -31.94 5.61 -14.10
N ALA A 80 -33.16 6.08 -13.85
CA ALA A 80 -34.28 5.77 -14.72
C ALA A 80 -35.15 7.01 -14.88
N THR A 81 -36.36 6.80 -15.39
CA THR A 81 -37.34 7.85 -15.59
C THR A 81 -38.62 7.61 -14.78
N GLU A 82 -38.81 6.39 -14.28
CA GLU A 82 -39.91 6.09 -13.36
C GLU A 82 -39.34 5.30 -12.20
N LYS A 83 -39.50 5.81 -10.99
CA LYS A 83 -38.87 5.23 -9.81
C LYS A 83 -39.53 3.90 -9.45
N VAL A 84 -38.71 2.86 -9.26
CA VAL A 84 -39.22 1.55 -8.87
C VAL A 84 -38.70 1.21 -7.48
N ASN A 85 -37.51 1.68 -7.14
CA ASN A 85 -36.94 1.52 -5.81
C ASN A 85 -35.99 2.70 -5.55
N ASP A 86 -35.12 2.56 -4.55
CA ASP A 86 -34.11 3.58 -4.29
C ASP A 86 -32.75 3.22 -4.88
N GLU A 87 -32.62 2.06 -5.53
CA GLU A 87 -31.44 1.75 -6.31
C GLU A 87 -31.58 2.17 -7.76
N LEU A 88 -32.80 2.38 -8.24
CA LEU A 88 -33.11 2.83 -9.58
C LEU A 88 -34.09 4.01 -9.50
N ASP A 89 -33.71 5.02 -8.72
CA ASP A 89 -34.54 6.19 -8.50
C ASP A 89 -34.58 7.06 -9.74
N ARG A 90 -35.32 8.17 -9.64
CA ARG A 90 -35.35 9.14 -10.71
C ARG A 90 -34.02 9.88 -10.84
N TYR A 91 -33.26 9.97 -9.76
CA TYR A 91 -31.89 10.48 -9.81
C TYR A 91 -30.99 9.41 -9.22
N THR A 92 -29.71 9.73 -9.05
CA THR A 92 -28.79 8.87 -8.30
C THR A 92 -27.66 9.74 -7.77
N ASN A 93 -26.68 9.08 -7.15
CA ASN A 93 -25.52 9.78 -6.61
C ASN A 93 -24.31 8.87 -6.71
N TRP A 94 -23.15 9.46 -6.46
CA TRP A 94 -21.91 8.69 -6.41
C TRP A 94 -20.93 9.46 -5.53
N GLU A 95 -20.63 8.92 -4.35
CA GLU A 95 -19.57 9.47 -3.52
C GLU A 95 -18.24 9.25 -4.22
N ILE A 96 -17.53 10.34 -4.51
CA ILE A 96 -16.41 10.31 -5.44
C ILE A 96 -15.24 9.57 -4.79
N THR A 97 -14.90 8.42 -5.34
CA THR A 97 -13.78 7.61 -4.90
C THR A 97 -13.32 6.76 -6.07
N THR A 98 -12.01 6.65 -6.24
CA THR A 98 -11.43 5.87 -7.32
C THR A 98 -11.08 4.46 -6.89
N ARG A 99 -11.72 3.95 -5.85
CA ARG A 99 -11.41 2.63 -5.30
C ARG A 99 -12.55 1.64 -5.51
N GLN A 100 -13.41 1.87 -6.49
CA GLN A 100 -14.53 0.98 -6.73
C GLN A 100 -14.30 0.04 -7.91
N VAL A 101 -13.41 0.39 -8.83
CA VAL A 101 -12.99 -0.52 -9.87
C VAL A 101 -11.69 -1.18 -9.47
N ALA A 102 -11.35 -2.27 -10.16
CA ALA A 102 -10.16 -3.03 -9.82
C ALA A 102 -8.97 -2.71 -10.69
N GLN A 103 -9.17 -2.06 -11.83
CA GLN A 103 -8.07 -1.78 -12.74
C GLN A 103 -7.33 -0.49 -12.40
N LEU A 104 -8.06 0.62 -12.26
CA LEU A 104 -7.41 1.89 -11.92
C LEU A 104 -6.95 1.93 -10.48
N ARG A 105 -7.59 1.18 -9.59
CA ARG A 105 -7.21 1.19 -8.18
C ARG A 105 -5.81 0.63 -7.99
N ARG A 106 -5.44 -0.39 -8.76
CA ARG A 106 -4.11 -0.97 -8.65
C ARG A 106 -3.04 -0.06 -9.22
N LYS A 107 -3.38 0.72 -10.25
CA LYS A 107 -2.43 1.66 -10.80
C LYS A 107 -2.17 2.84 -9.87
N LEU A 108 -3.10 3.16 -8.99
CA LEU A 108 -2.91 4.27 -8.06
C LEU A 108 -2.32 3.83 -6.72
N GLU A 109 -2.46 2.56 -6.35
CA GLU A 109 -1.76 2.02 -5.19
C GLU A 109 -0.42 1.42 -5.54
N MET A 110 0.22 1.89 -6.60
CA MET A 110 1.61 1.57 -6.85
C MET A 110 2.52 2.68 -6.31
N PHE A 111 1.95 3.83 -5.96
CA PHE A 111 2.67 4.93 -5.33
C PHE A 111 1.90 5.39 -4.11
N THR A 112 2.62 5.89 -3.10
CA THR A 112 1.97 6.31 -1.88
C THR A 112 1.28 7.66 -2.06
N TYR A 113 2.03 8.66 -2.52
CA TYR A 113 1.55 10.03 -2.66
C TYR A 113 1.56 10.41 -4.12
N MET A 114 0.42 10.84 -4.63
CA MET A 114 0.29 11.30 -6.01
C MET A 114 -0.27 12.72 -6.03
N ARG A 115 -0.09 13.40 -7.15
CA ARG A 115 -0.56 14.77 -7.28
C ARG A 115 -0.87 14.99 -8.77
N PHE A 116 -2.11 14.75 -9.15
CA PHE A 116 -2.48 14.70 -10.55
C PHE A 116 -3.69 15.56 -10.84
N ASP A 117 -3.68 16.21 -11.99
CA ASP A 117 -4.85 16.88 -12.52
C ASP A 117 -5.68 15.88 -13.30
N LEU A 118 -6.99 16.07 -13.27
CA LEU A 118 -7.92 15.08 -13.76
C LEU A 118 -8.70 15.65 -14.94
N GLU A 119 -9.21 14.77 -15.80
CA GLU A 119 -10.20 15.18 -16.78
C GLU A 119 -11.22 14.07 -16.93
N ILE A 120 -12.49 14.42 -16.84
CA ILE A 120 -13.57 13.47 -16.62
C ILE A 120 -14.41 13.37 -17.88
N THR A 121 -14.78 12.15 -18.25
CA THR A 121 -15.61 11.89 -19.42
C THR A 121 -16.75 10.97 -19.01
N PHE A 122 -17.96 11.29 -19.48
CA PHE A 122 -19.15 10.50 -19.19
C PHE A 122 -19.65 9.87 -20.47
N VAL A 123 -19.87 8.56 -20.45
CA VAL A 123 -20.44 7.85 -21.58
C VAL A 123 -21.81 7.38 -21.12
N ILE A 124 -22.85 8.14 -21.48
CA ILE A 124 -24.20 7.94 -20.97
C ILE A 124 -25.03 7.27 -22.05
N THR A 125 -25.49 6.05 -21.77
CA THR A 125 -26.17 5.20 -22.74
C THR A 125 -27.53 4.81 -22.20
N SER A 126 -28.58 5.40 -22.73
CA SER A 126 -29.93 4.99 -22.37
C SER A 126 -30.29 3.69 -23.07
N SER A 127 -31.27 2.99 -22.50
CA SER A 127 -31.77 1.74 -23.05
C SER A 127 -33.20 1.55 -22.56
N GLN A 128 -34.07 1.13 -23.47
CA GLN A 128 -35.50 1.10 -23.18
C GLN A 128 -35.83 -0.04 -22.22
N ARG A 129 -36.65 0.25 -21.21
CA ARG A 129 -37.05 -0.76 -20.25
C ARG A 129 -38.08 -1.69 -20.86
N THR A 130 -38.03 -2.95 -20.43
CA THR A 130 -38.96 -3.95 -20.92
C THR A 130 -40.37 -3.67 -20.40
N SER A 131 -41.37 -3.92 -21.25
CA SER A 131 -42.76 -3.62 -20.95
C SER A 131 -43.64 -4.45 -21.89
N THR A 132 -44.93 -4.17 -21.90
CA THR A 132 -45.84 -4.85 -22.82
C THR A 132 -45.62 -4.38 -24.25
N THR A 133 -45.62 -3.06 -24.45
CA THR A 133 -45.36 -2.48 -25.77
C THR A 133 -44.26 -1.45 -25.64
N TYR A 134 -43.70 -1.05 -26.79
CA TYR A 134 -42.58 -0.14 -26.83
C TYR A 134 -42.74 1.01 -27.81
N ALA A 135 -43.78 1.00 -28.64
CA ALA A 135 -43.91 1.98 -29.71
C ALA A 135 -44.24 3.36 -29.14
N SER A 136 -43.33 4.31 -29.34
CA SER A 136 -43.53 5.69 -28.92
C SER A 136 -42.60 6.58 -29.72
N ASP A 137 -42.91 7.88 -29.72
CA ASP A 137 -42.03 8.89 -30.29
C ASP A 137 -41.42 9.67 -29.14
N SER A 138 -40.10 9.56 -28.99
CA SER A 138 -39.41 10.11 -27.85
C SER A 138 -38.48 11.23 -28.29
N PRO A 139 -38.55 12.40 -27.68
CA PRO A 139 -37.52 13.43 -27.89
C PRO A 139 -36.20 12.98 -27.30
N PRO A 140 -35.07 13.51 -27.79
CA PRO A 140 -33.76 13.09 -27.26
C PRO A 140 -33.56 13.58 -25.84
N LEU A 141 -33.29 12.62 -24.95
CA LEU A 141 -33.25 12.90 -23.52
C LEU A 141 -32.03 13.74 -23.16
N THR A 142 -32.16 14.52 -22.09
CA THR A 142 -31.12 15.43 -21.64
C THR A 142 -30.72 15.06 -20.23
N HIS A 143 -29.41 14.98 -19.98
CA HIS A 143 -28.87 14.58 -18.70
C HIS A 143 -28.17 15.74 -18.02
N GLN A 144 -28.31 15.82 -16.70
CA GLN A 144 -27.63 16.83 -15.90
C GLN A 144 -26.73 16.13 -14.88
N VAL A 145 -25.48 16.54 -14.82
CA VAL A 145 -24.50 15.97 -13.89
C VAL A 145 -24.01 17.12 -13.02
N MET A 146 -24.48 17.16 -11.77
CA MET A 146 -24.07 18.21 -10.85
C MET A 146 -23.02 17.68 -9.88
N TYR A 147 -22.02 18.51 -9.61
CA TYR A 147 -20.93 18.15 -8.69
C TYR A 147 -21.13 18.93 -7.40
N VAL A 148 -21.61 18.26 -6.38
CA VAL A 148 -21.78 18.88 -5.06
C VAL A 148 -20.46 18.80 -4.31
N PRO A 149 -19.89 19.92 -3.87
CA PRO A 149 -18.67 19.88 -3.04
C PRO A 149 -18.94 19.26 -1.68
N PRO A 150 -17.89 18.90 -0.92
CA PRO A 150 -18.13 18.33 0.41
C PRO A 150 -18.72 19.33 1.38
N GLY A 151 -20.00 19.14 1.70
CA GLY A 151 -20.73 20.02 2.58
C GLY A 151 -21.90 20.74 1.95
N GLY A 152 -22.15 20.58 0.65
CA GLY A 152 -23.20 21.32 -0.01
C GLY A 152 -24.55 20.69 0.20
N PRO A 153 -25.59 21.35 -0.33
CA PRO A 153 -26.96 20.84 -0.17
C PRO A 153 -27.27 19.79 -1.23
N ILE A 154 -27.48 18.56 -0.79
CA ILE A 154 -27.76 17.47 -1.72
C ILE A 154 -29.23 17.50 -2.11
N PRO A 155 -29.59 17.07 -3.31
CA PRO A 155 -31.01 17.04 -3.71
C PRO A 155 -31.70 15.81 -3.12
N LYS A 156 -32.69 16.05 -2.27
CA LYS A 156 -33.41 14.96 -1.63
C LYS A 156 -34.30 14.21 -2.62
N SER A 157 -34.75 14.86 -3.69
CA SER A 157 -35.63 14.22 -4.66
C SER A 157 -35.47 14.91 -6.00
N TYR A 158 -36.10 14.33 -7.02
CA TYR A 158 -36.32 15.03 -8.26
C TYR A 158 -37.38 16.11 -8.04
N GLU A 159 -37.41 17.09 -8.98
CA GLU A 159 -38.29 18.27 -8.95
C GLU A 159 -38.00 19.12 -7.71
N ASP A 160 -36.75 19.09 -7.26
CA ASP A 160 -36.28 19.87 -6.13
C ASP A 160 -35.42 21.02 -6.65
N PHE A 161 -35.49 22.16 -5.96
CA PHE A 161 -34.74 23.34 -6.38
C PHE A 161 -33.34 23.38 -5.82
N ALA A 162 -32.77 22.22 -5.48
CA ALA A 162 -31.33 22.10 -5.28
C ALA A 162 -30.62 21.81 -6.59
N TRP A 163 -31.35 21.40 -7.62
CA TRP A 163 -30.80 21.16 -8.95
C TRP A 163 -30.63 22.44 -9.76
N GLN A 164 -30.80 23.61 -9.15
CA GLN A 164 -30.74 24.88 -9.86
C GLN A 164 -29.36 25.27 -10.33
N THR A 165 -28.32 24.52 -9.92
CA THR A 165 -26.88 24.76 -10.12
C THR A 165 -26.51 26.24 -10.02
N SER A 166 -26.86 26.81 -8.86
CA SER A 166 -26.65 28.24 -8.63
C SER A 166 -25.17 28.57 -8.54
N THR A 167 -24.38 27.70 -7.91
CA THR A 167 -22.93 27.89 -7.84
C THR A 167 -22.15 26.62 -8.15
N ASN A 168 -22.74 25.44 -8.02
CA ASN A 168 -22.05 24.20 -8.30
C ASN A 168 -21.89 24.02 -9.81
N PRO A 169 -20.79 23.43 -10.26
CA PRO A 169 -20.63 23.18 -11.70
C PRO A 169 -21.56 22.06 -12.15
N SER A 170 -22.13 22.22 -13.34
CA SER A 170 -23.07 21.27 -13.89
C SER A 170 -22.90 21.21 -15.39
N VAL A 171 -22.99 20.00 -15.95
CA VAL A 171 -22.91 19.81 -17.39
C VAL A 171 -24.25 19.29 -17.87
N PHE A 172 -24.58 19.61 -19.11
CA PHE A 172 -25.82 19.17 -19.74
C PHE A 172 -25.47 18.49 -21.06
N TRP A 173 -26.30 17.54 -21.47
CA TRP A 173 -25.92 16.71 -22.61
C TRP A 173 -27.17 16.15 -23.29
N THR A 174 -27.37 16.52 -24.55
CA THR A 174 -28.46 15.99 -25.37
C THR A 174 -27.92 14.82 -26.16
N GLU A 175 -28.65 13.70 -26.15
CA GLU A 175 -28.15 12.42 -26.63
C GLU A 175 -27.88 12.43 -28.13
N GLY A 176 -26.77 11.81 -28.52
CA GLY A 176 -26.33 11.74 -29.90
C GLY A 176 -25.01 12.42 -30.16
N ASN A 177 -24.56 13.31 -29.29
CA ASN A 177 -23.38 14.13 -29.53
C ASN A 177 -22.13 13.44 -29.00
N ALA A 178 -21.03 14.21 -28.95
CA ALA A 178 -19.81 13.73 -28.32
C ALA A 178 -19.98 13.66 -26.81
N PRO A 179 -19.21 12.81 -26.12
CA PRO A 179 -19.30 12.74 -24.67
C PRO A 179 -18.76 14.00 -24.02
N PRO A 180 -19.29 14.38 -22.85
CA PRO A 180 -18.83 15.62 -22.21
C PRO A 180 -17.47 15.45 -21.57
N ARG A 181 -16.71 16.55 -21.54
CA ARG A 181 -15.39 16.55 -20.92
C ARG A 181 -15.17 17.83 -20.16
N MET A 182 -14.69 17.71 -18.92
CA MET A 182 -14.25 18.84 -18.13
C MET A 182 -12.98 18.45 -17.39
N SER A 183 -12.14 19.43 -17.11
CA SER A 183 -10.87 19.19 -16.44
C SER A 183 -10.93 19.69 -15.00
N ILE A 184 -10.20 19.01 -14.13
CA ILE A 184 -10.27 19.24 -12.68
C ILE A 184 -8.87 19.47 -12.14
N PRO A 185 -8.62 20.54 -11.39
CA PRO A 185 -7.30 20.77 -10.81
C PRO A 185 -7.03 19.86 -9.61
N PHE A 186 -5.87 20.06 -9.00
CA PHE A 186 -5.44 19.26 -7.87
C PHE A 186 -6.25 19.69 -6.64
N MET A 187 -7.27 18.89 -6.31
CA MET A 187 -8.34 19.32 -5.43
C MET A 187 -8.12 19.01 -3.96
N SER A 188 -6.91 18.63 -3.56
CA SER A 188 -6.72 18.26 -2.17
C SER A 188 -6.51 19.49 -1.31
N VAL A 189 -6.44 19.26 0.00
CA VAL A 189 -6.06 20.29 0.95
C VAL A 189 -4.67 20.10 1.50
N GLY A 190 -4.06 18.93 1.33
CA GLY A 190 -2.70 18.71 1.75
C GLY A 190 -1.72 19.17 0.69
N ASN A 191 -0.74 18.34 0.36
CA ASN A 191 0.12 18.63 -0.77
C ASN A 191 0.24 17.44 -1.72
N ALA A 192 -0.46 16.35 -1.45
CA ALA A 192 -0.47 15.19 -2.33
C ALA A 192 -1.69 14.35 -2.01
N TYR A 193 -2.14 13.59 -2.99
CA TYR A 193 -3.27 12.68 -2.82
C TYR A 193 -2.77 11.44 -2.11
N CYS A 194 -3.02 11.34 -0.80
CA CYS A 194 -2.59 10.18 -0.03
C CYS A 194 -3.43 8.97 -0.43
N ASN A 195 -2.81 8.04 -1.16
CA ASN A 195 -3.50 6.80 -1.48
C ASN A 195 -3.62 5.90 -0.25
N PHE A 196 -2.62 5.93 0.62
CA PHE A 196 -2.60 5.14 1.85
C PHE A 196 -2.44 6.07 3.03
N TYR A 197 -3.29 5.87 4.04
CA TYR A 197 -3.25 6.68 5.26
C TYR A 197 -3.29 5.72 6.44
N ASP A 198 -2.12 5.32 6.90
CA ASP A 198 -2.02 4.39 8.03
C ASP A 198 -2.29 5.16 9.30
N GLY A 199 -3.56 5.23 9.68
CA GLY A 199 -3.91 5.91 10.91
C GLY A 199 -5.41 5.88 11.11
N TRP A 200 -5.83 6.47 12.21
CA TRP A 200 -7.23 6.52 12.59
C TRP A 200 -7.81 7.89 12.24
N SER A 201 -9.09 8.06 12.55
CA SER A 201 -9.79 9.31 12.26
C SER A 201 -9.95 10.21 13.47
N HIS A 202 -10.06 9.64 14.67
CA HIS A 202 -10.16 10.42 15.89
C HIS A 202 -8.85 10.39 16.65
N PHE A 203 -8.69 11.34 17.55
CA PHE A 203 -7.41 11.53 18.21
C PHE A 203 -7.14 10.52 19.30
N SER A 204 -8.18 9.85 19.81
CA SER A 204 -8.02 8.82 20.82
C SER A 204 -7.82 7.44 20.21
N GLN A 205 -7.34 7.39 18.95
CA GLN A 205 -7.08 6.17 18.20
C GLN A 205 -8.32 5.28 18.13
N SER A 206 -9.33 5.80 17.45
CA SER A 206 -10.59 5.09 17.25
C SER A 206 -11.23 5.66 15.98
N GLY A 207 -12.50 5.36 15.79
CA GLY A 207 -13.22 5.86 14.63
C GLY A 207 -13.16 4.88 13.48
N VAL A 208 -12.69 5.34 12.33
CA VAL A 208 -12.50 4.47 11.17
C VAL A 208 -11.02 4.47 10.81
N TYR A 209 -10.54 3.33 10.36
CA TYR A 209 -9.12 3.14 10.06
C TYR A 209 -8.88 3.25 8.56
N GLY A 210 -7.81 3.93 8.19
CA GLY A 210 -7.36 3.93 6.82
C GLY A 210 -7.69 5.20 6.07
N TYR A 211 -7.74 5.06 4.75
CA TYR A 211 -7.85 6.19 3.83
C TYR A 211 -9.27 6.66 3.62
N THR A 212 -10.24 6.12 4.38
CA THR A 212 -11.62 6.59 4.26
C THR A 212 -11.76 8.01 4.80
N THR A 213 -11.04 8.31 5.89
CA THR A 213 -11.13 9.63 6.51
C THR A 213 -10.49 10.74 5.68
N LEU A 214 -9.62 10.40 4.72
CA LEU A 214 -9.00 11.42 3.91
C LEU A 214 -9.71 11.65 2.58
N ASN A 215 -10.50 10.69 2.10
CA ASN A 215 -11.23 10.86 0.85
C ASN A 215 -12.47 11.70 1.13
N ASN A 216 -12.32 13.01 1.00
CA ASN A 216 -13.43 13.94 1.10
C ASN A 216 -13.39 14.78 -0.17
N MET A 217 -14.00 14.27 -1.23
CA MET A 217 -14.01 14.95 -2.51
C MET A 217 -15.41 15.26 -3.02
N GLY A 218 -16.45 14.90 -2.28
CA GLY A 218 -17.77 15.40 -2.59
C GLY A 218 -18.75 14.34 -3.03
N HIS A 219 -19.61 14.70 -3.99
CA HIS A 219 -20.55 13.78 -4.59
C HIS A 219 -20.68 14.12 -6.06
N LEU A 220 -21.56 13.40 -6.76
CA LEU A 220 -21.75 13.62 -8.18
C LEU A 220 -23.15 13.12 -8.51
N TYR A 221 -24.07 14.05 -8.79
CA TYR A 221 -25.49 13.74 -8.87
C TYR A 221 -25.94 13.75 -10.33
N PHE A 222 -26.55 12.64 -10.76
CA PHE A 222 -27.03 12.46 -12.12
C PHE A 222 -28.55 12.47 -12.14
N ARG A 223 -29.13 13.05 -13.20
CA ARG A 223 -30.58 13.03 -13.37
C ARG A 223 -30.94 13.24 -14.83
N HIS A 224 -32.18 12.91 -15.16
CA HIS A 224 -32.77 13.23 -16.47
C HIS A 224 -33.43 14.59 -16.40
N VAL A 225 -33.12 15.46 -17.37
CA VAL A 225 -33.76 16.77 -17.38
C VAL A 225 -35.18 16.66 -17.93
N ASN A 226 -35.39 15.77 -18.91
CA ASN A 226 -36.72 15.54 -19.47
C ASN A 226 -37.66 14.95 -18.41
N LYS A 227 -38.84 15.53 -18.30
CA LYS A 227 -39.71 15.22 -17.15
C LYS A 227 -40.35 13.84 -17.29
N SER A 228 -40.89 13.51 -18.45
CA SER A 228 -41.64 12.28 -18.61
C SER A 228 -41.17 11.51 -19.82
N THR A 229 -41.54 10.24 -19.86
CA THR A 229 -41.44 9.40 -21.03
C THR A 229 -42.65 8.48 -21.02
N ALA A 230 -43.19 8.18 -22.20
CA ALA A 230 -44.41 7.38 -22.27
C ALA A 230 -44.19 5.96 -21.77
N TYR A 231 -43.04 5.39 -22.08
CA TYR A 231 -42.63 4.11 -21.51
C TYR A 231 -41.22 4.30 -20.97
N PRO A 232 -40.94 3.87 -19.74
CA PRO A 232 -39.74 4.32 -19.04
C PRO A 232 -38.46 3.76 -19.65
N VAL A 233 -37.37 4.46 -19.37
CA VAL A 233 -36.07 4.16 -19.96
C VAL A 233 -35.00 4.22 -18.89
N ASN A 234 -34.18 3.17 -18.80
CA ASN A 234 -33.12 3.08 -17.80
C ASN A 234 -31.81 3.52 -18.42
N SER A 235 -31.23 4.59 -17.89
CA SER A 235 -29.96 5.10 -18.37
C SER A 235 -28.81 4.55 -17.52
N VAL A 236 -27.62 4.52 -18.13
CA VAL A 236 -26.41 4.02 -17.50
C VAL A 236 -25.30 5.02 -17.76
N ALA A 237 -24.80 5.65 -16.71
CA ALA A 237 -23.78 6.68 -16.82
C ALA A 237 -22.45 6.16 -16.30
N ARG A 238 -21.47 6.04 -17.19
CA ARG A 238 -20.14 5.56 -16.84
C ARG A 238 -19.15 6.72 -16.83
N VAL A 239 -18.35 6.80 -15.78
CA VAL A 239 -17.45 7.92 -15.53
C VAL A 239 -16.03 7.48 -15.82
N TYR A 240 -15.30 8.28 -16.58
CA TYR A 240 -13.97 7.91 -17.09
C TYR A 240 -12.93 8.92 -16.63
N PHE A 241 -12.28 8.63 -15.50
CA PHE A 241 -11.19 9.46 -15.00
C PHE A 241 -9.93 9.26 -15.84
N LYS A 242 -9.13 10.31 -15.95
CA LYS A 242 -7.82 10.20 -16.59
C LYS A 242 -6.84 11.21 -16.00
N PRO A 243 -5.83 10.76 -15.27
CA PRO A 243 -4.91 11.72 -14.64
C PRO A 243 -3.96 12.33 -15.66
N LYS A 244 -3.56 13.57 -15.39
CA LYS A 244 -2.58 14.25 -16.22
C LYS A 244 -1.83 15.27 -15.38
N HIS A 245 -0.64 15.65 -15.87
CA HIS A 245 0.35 16.44 -15.14
C HIS A 245 0.68 15.81 -13.79
N VAL A 246 0.98 14.52 -13.82
CA VAL A 246 1.01 13.69 -12.63
C VAL A 246 2.42 13.63 -12.06
N LYS A 247 2.52 13.78 -10.75
CA LYS A 247 3.72 13.46 -9.98
C LYS A 247 3.42 12.29 -9.06
N ALA A 248 4.44 11.50 -8.74
CA ALA A 248 4.23 10.33 -7.90
C ALA A 248 5.41 10.13 -6.97
N TRP A 249 5.12 9.79 -5.72
CA TRP A 249 6.12 9.70 -4.67
C TRP A 249 5.98 8.40 -3.90
N VAL A 250 7.13 7.89 -3.43
CA VAL A 250 7.26 6.73 -2.53
C VAL A 250 6.56 5.50 -3.10
N PRO A 251 7.18 4.81 -4.06
CA PRO A 251 6.52 3.68 -4.73
C PRO A 251 6.29 2.51 -3.78
N ARG A 252 5.09 1.95 -3.85
CA ARG A 252 4.72 0.79 -3.06
C ARG A 252 5.02 -0.50 -3.83
N ALA A 253 5.02 -1.61 -3.12
CA ALA A 253 5.00 -2.89 -3.77
C ALA A 253 3.61 -3.12 -4.37
N PRO A 254 3.52 -3.68 -5.56
CA PRO A 254 2.20 -3.86 -6.19
C PRO A 254 1.40 -4.96 -5.51
N ARG A 255 0.09 -4.76 -5.45
CA ARG A 255 -0.77 -5.58 -4.61
C ARG A 255 -0.98 -6.97 -5.21
N LEU A 256 -0.78 -7.99 -4.38
CA LEU A 256 -0.90 -9.37 -4.83
C LEU A 256 -2.36 -9.82 -4.85
N CYS A 257 -3.01 -9.83 -3.68
CA CYS A 257 -4.34 -10.40 -3.52
C CYS A 257 -5.40 -9.44 -4.03
N PRO A 258 -6.47 -9.94 -4.66
CA PRO A 258 -7.52 -9.04 -5.16
C PRO A 258 -8.38 -8.49 -4.03
N TYR A 259 -9.01 -7.36 -4.34
CA TYR A 259 -9.66 -6.52 -3.35
C TYR A 259 -10.95 -7.14 -2.84
N LEU A 260 -11.42 -6.62 -1.72
CA LEU A 260 -12.74 -6.98 -1.21
C LEU A 260 -13.64 -5.78 -1.02
N LYS A 261 -13.18 -4.75 -0.34
CA LYS A 261 -14.03 -3.62 0.00
C LYS A 261 -13.49 -2.34 -0.64
N ALA A 262 -14.40 -1.40 -0.85
CA ALA A 262 -14.08 -0.15 -1.54
C ALA A 262 -13.59 0.93 -0.60
N ARG A 263 -13.53 0.66 0.69
CA ARG A 263 -12.96 1.59 1.65
C ARG A 263 -11.83 0.99 2.48
N ASN A 264 -11.83 -0.33 2.68
CA ASN A 264 -10.78 -1.01 3.42
C ASN A 264 -9.71 -1.54 2.48
N VAL A 265 -8.63 -2.07 3.07
CA VAL A 265 -7.58 -2.76 2.33
C VAL A 265 -7.66 -4.18 2.85
N ASN A 266 -8.89 -4.62 3.14
CA ASN A 266 -9.10 -5.97 3.61
C ASN A 266 -8.87 -6.96 2.46
N PHE A 267 -8.36 -8.13 2.81
CA PHE A 267 -7.93 -9.09 1.81
C PHE A 267 -7.88 -10.48 2.42
N ASN A 268 -8.05 -11.47 1.56
CA ASN A 268 -7.75 -12.86 1.90
C ASN A 268 -6.30 -13.15 1.57
N VAL A 269 -5.74 -14.12 2.25
CA VAL A 269 -4.36 -14.52 2.01
C VAL A 269 -4.31 -15.50 0.84
N GLN A 270 -3.17 -15.50 0.17
CA GLN A 270 -2.91 -16.46 -0.89
C GLN A 270 -1.41 -16.70 -0.96
N GLY A 271 -1.00 -17.63 -1.82
CA GLY A 271 0.41 -17.86 -2.02
C GLY A 271 1.08 -16.73 -2.77
N VAL A 272 2.41 -16.71 -2.74
CA VAL A 272 3.13 -15.62 -3.38
C VAL A 272 3.12 -15.76 -4.90
N THR A 273 3.05 -16.99 -5.42
CA THR A 273 3.12 -17.23 -6.85
C THR A 273 2.51 -18.59 -7.17
N GLU A 274 2.47 -18.91 -8.45
CA GLU A 274 1.92 -20.18 -8.90
C GLU A 274 2.95 -21.30 -8.71
N SER A 275 2.46 -22.48 -8.32
CA SER A 275 3.31 -23.57 -7.90
C SER A 275 3.62 -24.49 -9.07
N ARG A 276 4.88 -24.91 -9.18
CA ARG A 276 5.29 -25.96 -10.10
C ARG A 276 5.49 -27.27 -9.36
N ASN A 277 5.97 -28.28 -10.07
CA ASN A 277 6.03 -29.61 -9.48
C ASN A 277 7.41 -29.93 -8.89
N LYS A 278 8.47 -29.43 -9.50
CA LYS A 278 9.82 -29.67 -9.00
C LYS A 278 10.67 -28.43 -9.21
N ILE A 279 11.73 -28.31 -8.42
CA ILE A 279 12.55 -27.10 -8.41
C ILE A 279 13.53 -27.07 -9.58
N THR A 280 14.01 -28.21 -10.03
CA THR A 280 14.98 -28.29 -11.11
C THR A 280 14.27 -28.46 -12.46
N LEU A 281 15.05 -28.82 -13.49
CA LEU A 281 14.54 -29.19 -14.80
C LEU A 281 15.26 -30.44 -15.27
N ASP A 282 14.65 -31.16 -16.21
CA ASP A 282 15.24 -32.41 -16.71
C ASP A 282 14.93 -32.59 -18.18
N ARG A 283 15.97 -32.44 -19.02
CA ARG A 283 16.01 -32.77 -20.43
C ARG A 283 17.46 -32.68 -20.88
N SER A 284 17.87 -33.61 -21.74
CA SER A 284 19.24 -33.60 -22.23
C SER A 284 19.31 -33.00 -23.64
N ASP B 11 36.25 1.27 6.34
CA ASP B 11 36.32 -0.05 6.95
C ASP B 11 34.92 -0.53 7.32
N ARG B 12 34.85 -1.59 8.12
CA ARG B 12 33.60 -2.18 8.54
C ARG B 12 33.15 -1.68 9.91
N VAL B 13 33.72 -0.59 10.38
CA VAL B 13 33.39 0.01 11.68
C VAL B 13 32.77 1.38 11.45
N ARG B 14 31.67 1.66 12.17
CA ARG B 14 31.07 2.99 12.15
C ARG B 14 30.57 3.31 13.54
N SER B 15 30.49 4.61 13.85
CA SER B 15 30.09 5.09 15.16
C SER B 15 29.13 6.26 15.00
N ILE B 16 27.94 6.13 15.56
CA ILE B 16 26.92 7.16 15.50
C ILE B 16 26.82 7.80 16.88
N THR B 17 26.75 9.13 16.92
CA THR B 17 26.64 9.85 18.19
C THR B 17 25.52 10.87 18.06
N LEU B 18 24.42 10.63 18.78
CA LEU B 18 23.26 11.52 18.76
C LEU B 18 22.86 11.83 20.18
N GLY B 19 22.85 13.11 20.53
CA GLY B 19 22.48 13.50 21.86
C GLY B 19 23.60 13.25 22.82
N ASN B 20 23.30 12.56 23.92
CA ASN B 20 24.29 12.20 24.92
C ASN B 20 24.68 10.74 24.85
N SER B 21 24.28 10.03 23.80
CA SER B 21 24.45 8.59 23.72
C SER B 21 25.03 8.22 22.37
N THR B 22 25.90 7.22 22.36
CA THR B 22 26.60 6.81 21.16
C THR B 22 26.43 5.30 20.95
N ILE B 23 26.66 4.88 19.71
CA ILE B 23 26.51 3.49 19.30
C ILE B 23 27.69 3.11 18.42
N THR B 24 28.40 2.05 18.77
CA THR B 24 29.53 1.56 17.99
C THR B 24 29.22 0.19 17.41
N THR B 25 29.63 -0.03 16.17
CA THR B 25 29.50 -1.31 15.52
C THR B 25 30.86 -1.74 15.00
N GLN B 26 31.03 -3.05 14.83
CA GLN B 26 32.28 -3.58 14.29
C GLN B 26 32.08 -4.48 13.09
N GLU B 27 30.86 -4.95 12.81
CA GLU B 27 30.54 -5.61 11.55
C GLU B 27 29.30 -4.91 11.01
N CYS B 28 29.50 -3.77 10.35
CA CYS B 28 28.41 -2.95 9.85
C CYS B 28 28.55 -2.85 8.34
N ALA B 29 27.46 -3.13 7.63
CA ALA B 29 27.50 -3.15 6.18
C ALA B 29 27.63 -1.74 5.60
N ASN B 30 26.61 -0.91 5.80
CA ASN B 30 26.60 0.48 5.35
C ASN B 30 25.49 1.20 6.09
N VAL B 31 25.16 2.40 5.65
CA VAL B 31 24.04 3.17 6.17
C VAL B 31 23.16 3.54 5.00
N VAL B 32 21.88 3.19 5.07
CA VAL B 32 20.93 3.44 3.99
C VAL B 32 20.11 4.67 4.37
N VAL B 33 20.42 5.80 3.75
CA VAL B 33 19.86 7.10 4.16
C VAL B 33 18.55 7.31 3.40
N GLY B 34 17.57 6.45 3.70
CA GLY B 34 16.21 6.64 3.21
C GLY B 34 16.12 6.56 1.70
N TYR B 35 15.49 7.57 1.12
CA TYR B 35 15.45 7.73 -0.34
C TYR B 35 16.50 8.71 -0.81
N GLY B 36 17.66 8.73 -0.15
CA GLY B 36 18.71 9.66 -0.50
C GLY B 36 18.63 11.00 0.19
N VAL B 37 17.92 11.10 1.31
CA VAL B 37 17.64 12.37 1.96
C VAL B 37 18.06 12.28 3.41
N TRP B 38 18.92 13.18 3.84
CA TRP B 38 19.24 13.35 5.25
C TRP B 38 18.14 14.16 5.92
N PRO B 39 17.76 13.82 7.17
CA PRO B 39 16.67 14.53 7.84
C PRO B 39 17.03 15.98 8.16
N THR B 40 16.13 16.88 7.82
CA THR B 40 16.34 18.31 7.96
C THR B 40 15.15 18.95 8.66
N TYR B 41 15.26 20.25 8.94
CA TYR B 41 14.21 21.03 9.55
C TYR B 41 13.27 21.60 8.48
N LEU B 42 12.11 22.08 8.93
CA LEU B 42 11.12 22.64 8.03
C LEU B 42 11.52 24.05 7.62
N SER B 43 11.62 24.27 6.31
CA SER B 43 12.04 25.56 5.78
C SER B 43 10.91 26.57 5.89
N ASP B 44 11.21 27.81 5.53
CA ASP B 44 10.25 28.90 5.63
C ASP B 44 9.27 28.95 4.47
N HIS B 45 9.40 28.08 3.47
CA HIS B 45 8.48 28.07 2.35
C HIS B 45 7.75 26.75 2.17
N GLU B 46 8.07 25.73 2.95
CA GLU B 46 7.26 24.52 3.00
C GLU B 46 6.31 24.50 4.19
N ALA B 47 6.49 25.41 5.15
CA ALA B 47 5.74 25.39 6.39
C ALA B 47 4.33 25.96 6.21
N THR B 48 3.44 25.54 7.11
CA THR B 48 2.06 25.99 7.12
C THR B 48 1.64 26.62 8.44
N ALA B 49 2.03 26.03 9.57
CA ALA B 49 1.65 26.56 10.87
C ALA B 49 2.40 27.84 11.17
N VAL B 50 1.68 28.84 11.67
CA VAL B 50 2.18 30.21 11.74
C VAL B 50 2.74 30.46 13.13
N ASP B 51 2.69 29.45 13.99
CA ASP B 51 3.25 29.58 15.32
C ASP B 51 4.75 29.30 15.30
N GLN B 52 5.41 29.57 16.42
CA GLN B 52 6.84 29.30 16.53
C GLN B 52 7.06 27.90 17.05
N PRO B 53 7.90 27.09 16.41
CA PRO B 53 8.06 25.71 16.87
C PRO B 53 9.12 25.60 17.95
N THR B 54 8.93 24.60 18.81
CA THR B 54 9.93 24.27 19.81
C THR B 54 10.82 23.15 19.30
N GLN B 55 12.13 23.38 19.36
CA GLN B 55 13.12 22.49 18.76
C GLN B 55 14.09 22.07 19.85
N PRO B 56 13.86 20.94 20.51
CA PRO B 56 14.79 20.45 21.51
C PRO B 56 15.88 19.61 20.84
N ASP B 57 17.13 20.07 20.96
CA ASP B 57 18.20 19.42 20.22
C ASP B 57 18.65 18.14 20.92
N VAL B 58 19.21 18.27 22.12
CA VAL B 58 19.82 17.14 22.78
C VAL B 58 18.82 16.37 23.61
N ALA B 59 17.78 17.04 24.12
CA ALA B 59 16.85 16.44 25.06
C ALA B 59 15.95 15.40 24.42
N THR B 60 15.84 15.40 23.10
CA THR B 60 14.96 14.48 22.38
C THR B 60 15.73 13.57 21.43
N CYS B 61 16.60 14.12 20.61
CA CYS B 61 17.28 13.37 19.56
C CYS B 61 18.40 12.53 20.19
N ARG B 62 18.06 11.31 20.63
CA ARG B 62 19.04 10.40 21.18
C ARG B 62 18.55 8.97 21.02
N PHE B 63 19.44 8.01 21.28
CA PHE B 63 19.21 6.61 20.94
C PHE B 63 18.39 5.92 22.02
N TYR B 64 17.07 6.00 21.91
CA TYR B 64 16.19 5.24 22.80
C TYR B 64 16.18 3.78 22.38
N THR B 65 16.53 2.89 23.30
CA THR B 65 16.53 1.46 23.01
C THR B 65 15.20 0.83 23.45
N LEU B 66 14.68 -0.05 22.62
CA LEU B 66 13.42 -0.73 22.91
C LEU B 66 13.71 -2.01 23.67
N GLU B 67 12.72 -2.90 23.75
CA GLU B 67 12.90 -4.19 24.39
C GLU B 67 13.37 -5.22 23.38
N SER B 68 14.20 -6.15 23.84
CA SER B 68 14.81 -7.13 22.97
C SER B 68 13.89 -8.33 22.79
N VAL B 69 13.63 -8.67 21.54
CA VAL B 69 12.74 -9.78 21.20
C VAL B 69 13.60 -10.98 20.87
N LYS B 70 13.04 -12.16 21.06
CA LYS B 70 13.77 -13.42 20.97
C LYS B 70 13.57 -14.05 19.60
N TRP B 71 14.68 -14.42 18.95
CA TRP B 71 14.64 -15.10 17.66
C TRP B 71 14.50 -16.60 17.89
N GLU B 72 13.27 -17.09 17.85
CA GLU B 72 12.98 -18.51 17.94
C GLU B 72 13.37 -19.16 16.61
N SER B 73 13.55 -20.48 16.61
CA SER B 73 13.77 -21.20 15.36
C SER B 73 12.51 -21.26 14.51
N SER B 74 11.33 -21.25 15.14
CA SER B 74 10.05 -21.25 14.45
C SER B 74 9.50 -19.84 14.27
N SER B 75 10.36 -18.85 14.16
CA SER B 75 9.92 -17.46 14.18
C SER B 75 9.31 -17.06 12.85
N ALA B 76 8.53 -15.98 12.90
CA ALA B 76 7.85 -15.46 11.72
C ALA B 76 8.31 -14.05 11.37
N GLY B 77 8.30 -13.14 12.33
CA GLY B 77 8.64 -11.75 12.07
C GLY B 77 7.98 -10.85 13.09
N TRP B 78 8.42 -9.60 13.11
CA TRP B 78 7.91 -8.60 14.05
C TRP B 78 7.81 -7.26 13.35
N TRP B 79 6.84 -6.44 13.78
CA TRP B 79 6.69 -5.11 13.24
C TRP B 79 6.44 -4.09 14.34
N TRP B 80 7.15 -2.98 14.27
CA TRP B 80 6.95 -1.82 15.13
C TRP B 80 6.29 -0.72 14.31
N LYS B 81 5.65 0.23 14.98
CA LYS B 81 4.92 1.30 14.30
C LYS B 81 5.28 2.62 14.97
N PHE B 82 6.01 3.46 14.25
CA PHE B 82 6.59 4.69 14.75
C PHE B 82 5.74 5.90 14.33
N PRO B 83 5.63 6.94 15.16
CA PRO B 83 6.26 7.20 16.46
C PRO B 83 5.57 6.57 17.65
N GLU B 84 4.47 5.86 17.42
CA GLU B 84 3.66 5.35 18.52
C GLU B 84 4.35 4.21 19.26
N ALA B 85 5.41 3.62 18.70
CA ALA B 85 6.25 2.70 19.45
C ALA B 85 7.32 3.43 20.27
N LEU B 86 7.47 4.74 20.08
CA LEU B 86 8.37 5.55 20.88
C LEU B 86 7.62 6.48 21.80
N SER B 87 6.46 6.06 22.28
CA SER B 87 5.53 6.96 22.96
C SER B 87 5.74 7.03 24.47
N ASP B 88 6.55 6.15 25.04
CA ASP B 88 6.85 6.21 26.47
C ASP B 88 8.35 6.15 26.71
N MET B 89 9.10 6.90 25.90
CA MET B 89 10.55 6.97 26.03
C MET B 89 10.93 8.44 26.12
N GLY B 90 11.40 8.86 27.29
CA GLY B 90 12.05 10.15 27.47
C GLY B 90 11.12 11.32 27.28
N LEU B 91 11.70 12.42 26.79
CA LEU B 91 10.93 13.61 26.48
C LEU B 91 10.29 13.55 25.11
N PHE B 92 10.51 12.47 24.36
CA PHE B 92 9.75 12.26 23.13
C PHE B 92 8.29 12.03 23.45
N GLY B 93 8.00 11.11 24.36
CA GLY B 93 6.63 10.85 24.79
C GLY B 93 6.00 11.93 25.62
N GLN B 94 6.78 12.94 26.05
CA GLN B 94 6.22 14.09 26.73
C GLN B 94 5.99 15.26 25.78
N ASN B 95 6.87 15.44 24.79
CA ASN B 95 6.59 16.44 23.77
C ASN B 95 5.49 15.99 22.82
N MET B 96 5.24 14.69 22.69
CA MET B 96 4.14 14.19 21.89
C MET B 96 2.78 14.45 22.54
N GLN B 97 2.74 14.61 23.85
CA GLN B 97 1.46 14.86 24.51
C GLN B 97 1.08 16.31 24.50
N TYR B 98 2.04 17.21 24.72
CA TYR B 98 1.76 18.62 24.88
C TYR B 98 1.78 19.38 23.55
N HIS B 99 1.62 18.69 22.42
CA HIS B 99 1.73 19.35 21.14
C HIS B 99 0.79 18.71 20.14
N TYR B 100 0.17 19.53 19.29
CA TYR B 100 -0.74 19.00 18.28
C TYR B 100 0.03 18.42 17.10
N LEU B 101 1.06 19.11 16.63
CA LEU B 101 1.79 18.69 15.45
C LEU B 101 3.10 18.02 15.84
N GLY B 102 3.84 17.56 14.83
CA GLY B 102 5.15 16.99 15.07
C GLY B 102 5.80 16.47 13.81
N ARG B 103 7.08 16.80 13.62
CA ARG B 103 7.79 16.47 12.39
C ARG B 103 9.21 16.07 12.75
N THR B 104 9.61 14.86 12.35
CA THR B 104 10.92 14.35 12.72
C THR B 104 11.34 13.28 11.72
N GLY B 105 12.66 13.09 11.62
CA GLY B 105 13.24 11.95 10.96
C GLY B 105 13.81 11.01 12.02
N TYR B 106 14.24 9.84 11.57
CA TYR B 106 14.66 8.80 12.49
C TYR B 106 15.96 8.16 12.03
N THR B 107 16.62 7.49 12.97
CA THR B 107 17.75 6.62 12.69
C THR B 107 17.50 5.30 13.42
N ILE B 108 17.27 4.23 12.68
CA ILE B 108 16.85 2.96 13.24
C ILE B 108 18.02 2.00 13.17
N HIS B 109 18.40 1.43 14.30
CA HIS B 109 19.57 0.55 14.38
C HIS B 109 19.13 -0.79 14.96
N VAL B 110 18.94 -1.77 14.08
CA VAL B 110 18.56 -3.13 14.49
C VAL B 110 19.83 -3.96 14.57
N GLN B 111 20.04 -4.61 15.72
CA GLN B 111 21.30 -5.27 16.02
C GLN B 111 21.05 -6.68 16.54
N CYS B 112 21.84 -7.63 16.04
CA CYS B 112 21.68 -9.03 16.40
C CYS B 112 22.98 -9.76 16.12
N ASN B 113 23.66 -10.22 17.17
CA ASN B 113 24.85 -11.03 17.03
C ASN B 113 24.59 -12.42 17.57
N ALA B 114 25.03 -13.45 16.84
CA ALA B 114 24.97 -14.80 17.39
C ALA B 114 26.35 -15.43 17.52
N SER B 115 27.03 -15.71 16.41
CA SER B 115 28.27 -16.49 16.36
C SER B 115 28.75 -16.60 14.94
N LYS B 116 29.84 -17.35 14.74
CA LYS B 116 30.20 -17.86 13.42
C LYS B 116 29.75 -19.30 13.21
N PHE B 117 28.93 -19.84 14.11
CA PHE B 117 28.38 -21.17 13.95
C PHE B 117 26.87 -21.18 13.87
N HIS B 118 26.23 -20.02 13.88
CA HIS B 118 24.80 -19.88 13.63
C HIS B 118 24.58 -19.51 12.17
N GLN B 119 23.34 -19.65 11.73
CA GLN B 119 22.97 -19.24 10.38
C GLN B 119 21.57 -18.63 10.43
N GLY B 120 21.32 -17.75 9.48
CA GLY B 120 20.07 -17.02 9.44
C GLY B 120 20.24 -15.71 8.70
N CYS B 121 19.11 -15.15 8.28
CA CYS B 121 19.14 -13.92 7.49
C CYS B 121 17.84 -13.18 7.71
N LEU B 122 17.93 -11.92 8.14
CA LEU B 122 16.76 -11.06 8.36
C LEU B 122 16.66 -10.04 7.24
N LEU B 123 15.44 -9.62 6.95
CA LEU B 123 15.17 -8.44 6.14
C LEU B 123 14.70 -7.34 7.08
N VAL B 124 15.36 -6.20 7.07
CA VAL B 124 15.06 -5.11 7.98
C VAL B 124 14.59 -3.93 7.15
N VAL B 125 13.29 -3.67 7.16
CA VAL B 125 12.69 -2.71 6.23
C VAL B 125 11.92 -1.65 7.01
N CYS B 126 11.80 -0.46 6.41
CA CYS B 126 11.02 0.66 6.97
C CYS B 126 9.96 1.04 5.95
N VAL B 127 8.72 0.63 6.18
CA VAL B 127 7.66 0.74 5.19
C VAL B 127 6.83 1.98 5.51
N PRO B 128 6.84 3.00 4.67
CA PRO B 128 6.00 4.20 4.93
C PRO B 128 4.53 3.88 4.72
N GLU B 129 3.75 4.10 5.79
CA GLU B 129 2.29 3.99 5.82
C GLU B 129 1.83 2.59 5.42
N ALA B 130 2.22 1.62 6.24
CA ALA B 130 1.83 0.23 6.02
C ALA B 130 0.42 0.03 6.57
N GLU B 131 -0.56 0.35 5.74
CA GLU B 131 -1.94 0.16 6.15
C GLU B 131 -2.29 -1.32 6.12
N MET B 132 -2.72 -1.85 7.25
CA MET B 132 -2.84 -3.28 7.45
C MET B 132 -4.28 -3.75 7.31
N GLY B 133 -4.46 -4.89 6.66
CA GLY B 133 -5.78 -5.43 6.46
C GLY B 133 -6.29 -6.20 7.65
N ALA B 134 -7.61 -6.32 7.74
CA ALA B 134 -8.24 -6.97 8.87
C ALA B 134 -8.10 -8.47 8.80
N ALA B 135 -8.11 -9.11 9.97
CA ALA B 135 -8.08 -10.56 10.01
C ALA B 135 -9.44 -11.13 9.60
N THR B 136 -10.47 -10.78 10.35
CA THR B 136 -11.85 -11.01 9.93
C THR B 136 -12.38 -9.72 9.35
N THR B 137 -12.83 -9.77 8.10
CA THR B 137 -13.35 -8.60 7.42
C THR B 137 -14.73 -8.23 8.00
N ASP B 138 -15.27 -7.12 7.49
CA ASP B 138 -16.39 -6.34 8.06
C ASP B 138 -16.35 -6.29 9.59
N HIS B 139 -15.17 -5.92 10.10
CA HIS B 139 -14.94 -5.87 11.55
C HIS B 139 -13.76 -4.95 11.76
N ALA B 140 -14.01 -3.77 12.33
CA ALA B 140 -12.94 -2.82 12.58
C ALA B 140 -12.08 -3.30 13.74
N PHE B 141 -10.78 -3.42 13.50
CA PHE B 141 -9.93 -4.03 14.52
C PHE B 141 -9.46 -3.01 15.53
N ASN B 142 -8.84 -3.50 16.59
CA ASN B 142 -8.48 -2.68 17.73
C ASN B 142 -7.25 -1.84 17.45
N HIS B 143 -7.13 -0.74 18.17
CA HIS B 143 -5.98 0.15 18.02
C HIS B 143 -4.78 -0.31 18.82
N THR B 144 -4.90 -1.38 19.60
CA THR B 144 -3.76 -1.93 20.30
C THR B 144 -3.32 -3.28 19.76
N LYS B 145 -4.09 -3.89 18.86
CA LYS B 145 -3.65 -5.06 18.12
C LYS B 145 -2.84 -4.70 16.89
N LEU B 146 -2.77 -3.41 16.56
CA LEU B 146 -1.85 -2.92 15.54
C LEU B 146 -0.52 -2.53 16.15
N SER B 147 -0.55 -1.76 17.23
CA SER B 147 0.67 -1.24 17.81
C SER B 147 0.44 -0.93 19.28
N ASN B 148 0.97 -1.78 20.16
CA ASN B 148 1.10 -1.45 21.56
C ASN B 148 2.23 -0.44 21.74
N ILE B 149 2.41 0.05 22.96
CA ILE B 149 3.28 1.21 23.15
C ILE B 149 4.75 0.80 23.09
N GLY B 150 5.12 -0.28 23.77
CA GLY B 150 6.51 -0.69 23.72
C GLY B 150 6.82 -2.04 23.12
N GLN B 151 5.95 -3.04 23.30
CA GLN B 151 6.16 -4.36 22.74
C GLN B 151 5.85 -4.30 21.26
N ALA B 152 6.54 -5.13 20.47
CA ALA B 152 6.63 -4.88 19.04
C ALA B 152 5.31 -5.11 18.31
N MET B 153 5.08 -6.35 17.90
CA MET B 153 3.87 -7.07 17.50
C MET B 153 4.48 -8.34 16.92
N GLU B 154 3.70 -9.35 16.59
CA GLU B 154 4.31 -10.48 15.91
C GLU B 154 3.42 -10.99 14.78
N PHE B 155 4.03 -11.15 13.60
CA PHE B 155 3.38 -11.87 12.52
C PHE B 155 3.19 -13.33 12.92
N SER B 156 2.15 -13.94 12.38
CA SER B 156 1.89 -15.36 12.59
C SER B 156 2.58 -16.15 11.49
N ALA B 157 2.67 -17.46 11.68
CA ALA B 157 3.32 -18.30 10.67
C ALA B 157 2.35 -18.65 9.55
N LYS B 158 1.07 -18.78 9.90
CA LYS B 158 0.00 -19.07 8.97
C LYS B 158 -0.98 -17.90 8.99
N LYS B 159 -2.14 -18.09 8.36
CA LYS B 159 -3.13 -17.03 8.32
C LYS B 159 -3.75 -16.83 9.69
N SER B 160 -4.31 -15.64 9.88
CA SER B 160 -4.94 -15.28 11.15
C SER B 160 -6.44 -15.50 11.05
N THR B 161 -7.04 -15.91 12.18
CA THR B 161 -8.47 -16.08 12.28
C THR B 161 -9.05 -15.24 13.42
N ASP B 162 -8.34 -14.18 13.80
CA ASP B 162 -8.78 -13.29 14.86
C ASP B 162 -10.00 -12.49 14.43
N GLN B 163 -10.79 -12.09 15.42
CA GLN B 163 -12.00 -11.31 15.15
C GLN B 163 -11.74 -9.82 15.08
N THR B 164 -10.77 -9.32 15.84
CA THR B 164 -10.51 -7.89 15.90
C THR B 164 -9.02 -7.60 15.85
N GLY B 165 -8.30 -8.31 14.98
CA GLY B 165 -6.89 -8.07 14.80
C GLY B 165 -6.53 -7.82 13.36
N PRO B 166 -5.25 -7.61 13.07
CA PRO B 166 -4.84 -7.47 11.68
C PRO B 166 -4.50 -8.80 11.04
N GLN B 167 -4.16 -8.81 9.76
CA GLN B 167 -3.77 -10.03 9.08
C GLN B 167 -2.28 -10.22 9.27
N THR B 168 -1.90 -11.28 9.98
CA THR B 168 -0.51 -11.50 10.38
C THR B 168 0.13 -12.67 9.67
N ALA B 169 -0.35 -13.03 8.48
CA ALA B 169 0.37 -13.99 7.66
C ALA B 169 1.59 -13.30 7.07
N VAL B 170 2.77 -13.82 7.38
CA VAL B 170 4.00 -13.08 7.09
C VAL B 170 4.40 -13.17 5.62
N HIS B 171 3.90 -14.15 4.87
CA HIS B 171 4.21 -14.20 3.45
C HIS B 171 3.44 -13.18 2.64
N ASN B 172 2.44 -12.53 3.23
CA ASN B 172 1.71 -11.46 2.59
C ASN B 172 2.02 -10.10 3.20
N ALA B 173 2.93 -10.05 4.18
CA ALA B 173 3.49 -8.84 4.78
C ALA B 173 2.46 -7.94 5.44
N GLY B 174 1.26 -8.44 5.73
CA GLY B 174 0.25 -7.63 6.40
C GLY B 174 -0.52 -6.69 5.49
N MET B 175 0.17 -5.97 4.61
CA MET B 175 -0.47 -5.01 3.73
C MET B 175 -1.22 -5.67 2.58
N GLY B 176 -0.90 -6.92 2.25
CA GLY B 176 -1.49 -7.60 1.13
C GLY B 176 -0.61 -7.74 -0.09
N VAL B 177 0.66 -7.35 0.00
CA VAL B 177 1.57 -7.45 -1.10
C VAL B 177 2.44 -8.69 -0.91
N ALA B 178 3.18 -9.06 -1.94
CA ALA B 178 4.17 -10.12 -1.79
C ALA B 178 5.31 -9.62 -0.90
N VAL B 179 5.76 -10.49 0.01
CA VAL B 179 6.69 -10.04 1.04
C VAL B 179 8.07 -9.84 0.46
N GLY B 180 8.40 -10.51 -0.63
CA GLY B 180 9.67 -10.30 -1.27
C GLY B 180 9.79 -9.02 -2.06
N ASN B 181 8.67 -8.34 -2.31
CA ASN B 181 8.66 -7.09 -3.04
C ASN B 181 8.85 -5.88 -2.14
N LEU B 182 9.26 -6.08 -0.89
CA LEU B 182 9.40 -4.98 0.04
C LEU B 182 10.73 -4.25 -0.08
N THR B 183 11.59 -4.64 -1.03
CA THR B 183 12.94 -4.12 -1.09
C THR B 183 13.05 -2.77 -1.81
N ILE B 184 11.93 -2.11 -2.12
CA ILE B 184 12.01 -0.74 -2.59
C ILE B 184 11.95 0.27 -1.44
N PHE B 185 11.24 -0.06 -0.37
CA PHE B 185 11.33 0.70 0.86
C PHE B 185 12.76 0.56 1.41
N PRO B 186 13.31 1.62 2.00
CA PRO B 186 14.75 1.63 2.35
C PRO B 186 15.06 0.61 3.44
N HIS B 187 15.97 -0.30 3.13
CA HIS B 187 16.12 -1.53 3.89
C HIS B 187 17.59 -1.92 3.96
N GLN B 188 17.86 -2.95 4.75
CA GLN B 188 19.15 -3.64 4.79
C GLN B 188 18.87 -5.11 5.05
N TRP B 189 19.92 -5.86 5.36
CA TRP B 189 19.77 -7.25 5.76
C TRP B 189 20.73 -7.53 6.90
N ILE B 190 20.33 -8.43 7.80
CA ILE B 190 21.24 -8.88 8.85
C ILE B 190 21.56 -10.34 8.59
N ASN B 191 22.63 -10.58 7.84
CA ASN B 191 23.07 -11.91 7.49
C ASN B 191 24.14 -12.32 8.49
N LEU B 192 23.83 -13.33 9.31
CA LEU B 192 24.75 -13.77 10.38
C LEU B 192 26.04 -14.37 9.85
N ARG B 193 26.13 -14.69 8.56
CA ARG B 193 27.40 -15.03 7.96
C ARG B 193 28.36 -13.84 7.96
N THR B 194 27.91 -12.69 7.47
CA THR B 194 28.74 -11.49 7.41
C THR B 194 28.24 -10.37 8.32
N ASN B 195 26.99 -9.94 8.14
CA ASN B 195 26.48 -8.75 8.81
C ASN B 195 26.20 -9.01 10.28
N ASN B 196 26.11 -7.93 11.03
CA ASN B 196 25.75 -7.96 12.44
C ASN B 196 24.60 -7.03 12.76
N SER B 197 24.61 -5.83 12.20
CA SER B 197 23.65 -4.81 12.55
C SER B 197 23.27 -4.01 11.31
N ALA B 198 22.00 -3.64 11.23
CA ALA B 198 21.46 -2.92 10.09
C ALA B 198 20.99 -1.56 10.57
N THR B 199 21.36 -0.52 9.84
CA THR B 199 21.01 0.85 10.20
C THR B 199 20.44 1.60 8.99
N ILE B 200 19.27 2.20 9.20
CA ILE B 200 18.54 2.94 8.17
C ILE B 200 18.26 4.33 8.71
N VAL B 201 18.60 5.36 7.94
CA VAL B 201 18.33 6.74 8.31
C VAL B 201 17.11 7.20 7.50
N MET B 202 15.96 7.31 8.14
CA MET B 202 14.71 7.56 7.44
C MET B 202 14.31 9.01 7.61
N PRO B 203 14.23 9.81 6.55
CA PRO B 203 13.78 11.19 6.67
C PRO B 203 12.26 11.23 6.85
N TYR B 204 11.74 12.42 7.05
CA TYR B 204 10.31 12.59 7.30
C TYR B 204 9.55 12.43 5.99
N ILE B 205 8.73 11.40 5.90
CA ILE B 205 7.99 11.08 4.68
C ILE B 205 6.51 11.24 4.97
N ASN B 206 5.93 12.32 4.44
CA ASN B 206 4.50 12.57 4.55
C ASN B 206 4.12 13.60 3.52
N SER B 207 2.82 13.64 3.20
CA SER B 207 2.30 14.61 2.24
C SER B 207 1.97 15.94 2.88
N VAL B 208 2.04 16.04 4.20
CA VAL B 208 1.84 17.30 4.90
C VAL B 208 3.15 17.63 5.60
N PRO B 209 3.45 18.92 5.82
CA PRO B 209 4.69 19.28 6.51
C PRO B 209 4.75 18.80 7.95
N MET B 210 3.71 19.06 8.75
CA MET B 210 3.61 18.49 10.09
C MET B 210 2.23 17.89 10.26
N ASP B 211 2.15 16.84 11.07
CA ASP B 211 0.88 16.16 11.32
C ASP B 211 0.79 15.79 12.79
N ASN B 212 -0.34 15.21 13.19
CA ASN B 212 -0.50 14.68 14.52
C ASN B 212 0.38 13.46 14.71
N MET B 213 0.73 13.16 15.97
CA MET B 213 1.60 12.04 16.28
C MET B 213 0.85 10.82 16.78
N TYR B 214 -0.41 10.96 17.15
CA TYR B 214 -1.15 9.87 17.78
C TYR B 214 -2.11 9.18 16.84
N ARG B 215 -2.78 9.92 15.96
CA ARG B 215 -3.73 9.31 15.03
C ARG B 215 -3.07 8.91 13.71
N HIS B 216 -1.74 8.94 13.62
CA HIS B 216 -1.07 8.64 12.36
C HIS B 216 0.30 8.05 12.65
N TYR B 217 0.52 6.81 12.20
CA TYR B 217 1.83 6.18 12.24
C TYR B 217 2.51 6.43 10.91
N ASN B 218 3.57 7.25 10.90
CA ASN B 218 4.17 7.72 9.66
C ASN B 218 4.81 6.59 8.85
N PHE B 219 5.34 5.58 9.53
CA PHE B 219 5.91 4.44 8.84
C PHE B 219 5.87 3.24 9.78
N THR B 220 6.47 2.12 9.35
CA THR B 220 6.37 0.85 10.03
C THR B 220 7.66 0.08 9.82
N LEU B 221 8.35 -0.25 10.91
CA LEU B 221 9.58 -1.03 10.84
C LEU B 221 9.24 -2.51 10.97
N MET B 222 9.36 -3.24 9.88
CA MET B 222 9.17 -4.68 9.88
C MET B 222 10.52 -5.37 9.77
N VAL B 223 10.78 -6.34 10.64
CA VAL B 223 11.89 -7.27 10.44
C VAL B 223 11.32 -8.66 10.28
N ILE B 224 11.88 -9.40 9.32
CA ILE B 224 11.34 -10.71 8.93
C ILE B 224 12.51 -11.66 8.70
N PRO B 225 12.58 -12.78 9.39
CA PRO B 225 13.60 -13.79 9.08
C PRO B 225 13.29 -14.53 7.80
N PHE B 226 14.09 -14.32 6.76
CA PHE B 226 13.88 -15.06 5.52
C PHE B 226 14.48 -16.46 5.61
N ALA B 227 15.78 -16.56 5.86
CA ALA B 227 16.40 -17.83 6.18
C ALA B 227 16.40 -17.98 7.70
N LYS B 228 15.84 -19.08 8.18
CA LYS B 228 15.54 -19.17 9.60
C LYS B 228 16.79 -19.48 10.42
N LEU B 229 16.66 -19.26 11.72
CA LEU B 229 17.76 -19.50 12.66
C LEU B 229 17.92 -21.00 12.88
N GLU B 230 19.07 -21.53 12.50
CA GLU B 230 19.38 -22.92 12.74
C GLU B 230 20.83 -23.03 13.21
N HIS B 231 21.03 -23.78 14.28
CA HIS B 231 22.36 -23.97 14.84
C HIS B 231 22.47 -25.40 15.33
N SER B 232 23.58 -25.71 15.97
CA SER B 232 23.72 -27.00 16.62
C SER B 232 22.86 -27.02 17.88
N PRO B 233 22.46 -28.21 18.35
CA PRO B 233 21.76 -28.29 19.64
C PRO B 233 22.62 -27.88 20.83
N GLN B 234 23.95 -27.98 20.72
CA GLN B 234 24.84 -27.57 21.80
C GLN B 234 25.33 -26.14 21.65
N ALA B 235 24.72 -25.36 20.76
CA ALA B 235 25.07 -23.95 20.63
C ALA B 235 24.24 -23.13 21.60
N SER B 236 24.31 -21.81 21.48
CA SER B 236 23.53 -20.92 22.35
C SER B 236 22.11 -20.84 21.80
N THR B 237 21.15 -21.34 22.57
CA THR B 237 19.77 -21.46 22.14
C THR B 237 18.93 -20.22 22.41
N TYR B 238 19.57 -19.05 22.50
CA TYR B 238 18.84 -17.81 22.73
C TYR B 238 19.66 -16.68 22.09
N VAL B 239 19.22 -16.24 20.92
CA VAL B 239 19.82 -15.07 20.28
C VAL B 239 18.79 -13.94 20.31
N PRO B 240 19.12 -12.78 20.86
CA PRO B 240 18.13 -11.71 20.96
C PRO B 240 18.23 -10.71 19.82
N ILE B 241 17.17 -9.94 19.60
CA ILE B 241 17.13 -8.90 18.59
C ILE B 241 16.70 -7.60 19.26
N THR B 242 17.59 -6.63 19.32
CA THR B 242 17.32 -5.35 19.97
C THR B 242 17.22 -4.27 18.89
N VAL B 243 16.28 -3.36 19.06
CA VAL B 243 16.12 -2.20 18.19
C VAL B 243 16.51 -0.96 18.98
N THR B 244 17.30 -0.08 18.36
CA THR B 244 17.78 1.14 19.01
C THR B 244 17.49 2.30 18.05
N VAL B 245 16.35 2.95 18.22
CA VAL B 245 15.88 3.97 17.29
C VAL B 245 16.07 5.35 17.92
N ALA B 246 16.55 6.30 17.12
CA ALA B 246 16.79 7.66 17.57
C ALA B 246 16.08 8.64 16.66
N PRO B 247 15.33 9.59 17.19
CA PRO B 247 14.79 10.66 16.34
C PRO B 247 15.91 11.58 15.89
N MET B 248 15.64 12.32 14.82
CA MET B 248 16.59 13.28 14.30
C MET B 248 15.81 14.47 13.75
N CYS B 249 16.28 15.68 14.07
CA CYS B 249 15.74 16.95 13.56
C CYS B 249 14.27 17.10 13.92
N ALA B 250 13.94 16.88 15.18
CA ALA B 250 12.56 16.89 15.65
C ALA B 250 12.13 18.29 16.01
N GLU B 251 10.88 18.62 15.70
CA GLU B 251 10.28 19.88 16.13
C GLU B 251 8.78 19.70 16.23
N TYR B 252 8.17 20.47 17.14
CA TYR B 252 6.76 20.33 17.46
C TYR B 252 6.13 21.72 17.45
N ASN B 253 4.81 21.75 17.33
CA ASN B 253 4.09 22.99 17.09
C ASN B 253 2.73 22.93 17.76
N GLY B 254 2.22 24.09 18.14
CA GLY B 254 0.90 24.18 18.71
C GLY B 254 0.79 23.60 20.11
N LEU B 255 1.41 24.26 21.07
CA LEU B 255 1.42 23.81 22.46
C LEU B 255 0.05 23.98 23.08
N ARG B 256 -0.57 22.87 23.48
CA ARG B 256 -1.80 22.90 24.26
C ARG B 256 -1.64 21.95 25.44
N LEU B 257 -2.71 21.72 26.20
CA LEU B 257 -2.65 20.81 27.34
C LEU B 257 -2.40 19.37 26.90
N ALA B 258 -2.08 18.53 27.88
CA ALA B 258 -1.61 17.17 27.60
C ALA B 258 -2.74 16.29 27.10
N GLY B 259 -2.47 15.56 26.01
CA GLY B 259 -3.46 14.75 25.36
C GLY B 259 -3.75 13.45 26.09
N HIS B 260 -4.12 12.41 25.33
CA HIS B 260 -4.26 12.44 23.88
C HIS B 260 -5.67 12.06 23.45
N GLN B 261 -6.65 12.33 24.32
CA GLN B 261 -8.04 12.03 24.03
C GLN B 261 -8.68 13.13 23.22
N GLY C 1 -19.64 32.43 -41.59
CA GLY C 1 -18.54 32.02 -40.74
C GLY C 1 -17.44 31.34 -41.53
N LEU C 2 -16.49 30.75 -40.80
CA LEU C 2 -15.37 30.08 -41.44
C LEU C 2 -15.81 28.75 -42.01
N PRO C 3 -15.50 28.43 -43.26
CA PRO C 3 -15.91 27.15 -43.84
C PRO C 3 -15.01 26.02 -43.35
N THR C 4 -15.57 25.07 -42.64
CA THR C 4 -14.87 23.89 -42.17
C THR C 4 -15.50 22.64 -42.76
N MET C 5 -14.92 21.49 -42.43
CA MET C 5 -15.45 20.20 -42.86
C MET C 5 -14.92 19.15 -41.90
N ASN C 6 -15.80 18.33 -41.36
CA ASN C 6 -15.41 17.35 -40.35
C ASN C 6 -14.76 16.14 -41.01
N THR C 7 -13.54 15.82 -40.58
CA THR C 7 -12.87 14.61 -41.00
C THR C 7 -13.53 13.42 -40.31
N PRO C 8 -13.26 12.19 -40.78
CA PRO C 8 -13.59 11.02 -39.96
C PRO C 8 -12.85 11.04 -38.63
N GLY C 9 -13.55 10.65 -37.58
CA GLY C 9 -13.00 10.67 -36.25
C GLY C 9 -13.60 11.72 -35.34
N SER C 10 -14.57 12.49 -35.81
CA SER C 10 -15.22 13.46 -34.94
C SER C 10 -16.23 12.77 -34.05
N THR C 11 -16.52 13.43 -32.92
CA THR C 11 -17.49 13.00 -31.90
C THR C 11 -17.20 11.59 -31.38
N GLN C 12 -15.94 11.21 -31.34
CA GLN C 12 -15.53 9.91 -30.83
C GLN C 12 -14.82 10.10 -29.50
N PHE C 13 -14.71 9.02 -28.74
CA PHE C 13 -14.00 9.01 -27.48
C PHE C 13 -12.91 7.97 -27.61
N LEU C 14 -11.77 8.38 -28.16
CA LEU C 14 -10.60 7.54 -28.13
C LEU C 14 -10.08 7.48 -26.69
N THR C 15 -9.85 6.27 -26.19
CA THR C 15 -9.55 6.12 -24.77
C THR C 15 -8.13 6.54 -24.43
N SER C 16 -7.29 6.79 -25.43
CA SER C 16 -5.88 7.11 -25.23
C SER C 16 -5.45 8.30 -26.07
N ASP C 17 -6.23 9.38 -26.02
CA ASP C 17 -5.85 10.60 -26.71
C ASP C 17 -5.39 11.65 -25.70
N ASP C 18 -5.10 12.85 -26.21
CA ASP C 18 -4.88 14.00 -25.36
C ASP C 18 -5.47 15.23 -26.03
N PHE C 19 -6.32 15.93 -25.29
CA PHE C 19 -7.03 17.09 -25.81
C PHE C 19 -7.27 18.05 -24.66
N GLN C 20 -7.23 19.34 -24.96
CA GLN C 20 -7.62 20.33 -23.97
C GLN C 20 -9.12 20.24 -23.73
N SER C 21 -9.54 20.59 -22.52
CA SER C 21 -10.92 20.45 -22.12
C SER C 21 -11.21 21.52 -21.09
N PRO C 22 -12.39 22.14 -21.13
CA PRO C 22 -12.62 23.33 -20.29
C PRO C 22 -12.75 22.97 -18.82
N SER C 23 -12.03 23.71 -17.98
CA SER C 23 -11.97 23.39 -16.57
C SER C 23 -13.29 23.70 -15.88
N ALA C 24 -13.61 22.91 -14.86
CA ALA C 24 -14.87 23.08 -14.14
C ALA C 24 -14.73 23.98 -12.92
N MET C 25 -13.51 24.18 -12.42
CA MET C 25 -13.24 25.16 -11.37
C MET C 25 -12.21 26.15 -11.92
N PRO C 26 -12.64 27.22 -12.57
CA PRO C 26 -11.68 28.17 -13.15
C PRO C 26 -11.08 29.07 -12.09
N GLN C 27 -9.83 29.45 -12.33
CA GLN C 27 -9.00 30.27 -11.43
C GLN C 27 -8.87 29.64 -10.05
N PHE C 28 -8.82 28.31 -10.01
CA PHE C 28 -8.65 27.57 -8.77
C PHE C 28 -7.20 27.62 -8.34
N ASP C 29 -6.98 27.87 -7.06
CA ASP C 29 -5.63 27.93 -6.49
C ASP C 29 -5.29 26.58 -5.89
N VAL C 30 -4.48 25.80 -6.59
CA VAL C 30 -4.04 24.53 -6.03
C VAL C 30 -3.04 24.78 -4.91
N THR C 31 -2.90 23.78 -4.06
CA THR C 31 -2.04 23.92 -2.90
C THR C 31 -0.58 23.79 -3.32
N PRO C 32 0.33 24.54 -2.68
CA PRO C 32 1.73 24.54 -3.13
C PRO C 32 2.42 23.21 -2.85
N GLU C 33 3.31 22.84 -3.76
CA GLU C 33 4.02 21.58 -3.61
C GLU C 33 5.10 21.70 -2.55
N ILE C 34 5.47 20.56 -1.98
CA ILE C 34 6.61 20.47 -1.08
C ILE C 34 7.52 19.35 -1.56
N GLN C 35 8.76 19.38 -1.07
CA GLN C 35 9.77 18.41 -1.50
C GLN C 35 9.61 17.13 -0.70
N ILE C 36 8.67 16.30 -1.14
CA ILE C 36 8.51 14.96 -0.56
C ILE C 36 9.67 14.09 -1.06
N PRO C 37 10.35 13.34 -0.18
CA PRO C 37 11.42 12.47 -0.65
C PRO C 37 10.88 11.25 -1.37
N GLY C 38 11.65 10.78 -2.35
CA GLY C 38 11.33 9.54 -3.02
C GLY C 38 10.41 9.69 -4.19
N GLN C 39 10.77 10.55 -5.14
CA GLN C 39 9.95 10.80 -6.33
C GLN C 39 10.24 9.77 -7.41
N VAL C 40 9.18 9.25 -8.01
CA VAL C 40 9.28 8.37 -9.16
C VAL C 40 8.89 9.16 -10.39
N ARG C 41 9.80 9.24 -11.35
CA ARG C 41 9.53 9.89 -12.62
C ARG C 41 9.39 8.89 -13.76
N ASN C 42 9.54 7.60 -13.49
CA ASN C 42 9.64 6.59 -14.52
C ASN C 42 9.37 5.23 -13.89
N LEU C 43 8.64 4.38 -14.59
CA LEU C 43 8.40 3.04 -14.07
C LEU C 43 9.61 2.14 -14.18
N MET C 44 10.63 2.53 -14.93
CA MET C 44 11.86 1.76 -15.00
C MET C 44 12.79 2.02 -13.83
N GLU C 45 12.50 3.02 -13.00
CA GLU C 45 13.29 3.22 -11.79
C GLU C 45 12.99 2.14 -10.76
N ILE C 46 11.73 1.70 -10.70
CA ILE C 46 11.37 0.61 -9.80
C ILE C 46 11.89 -0.72 -10.32
N ALA C 47 11.91 -0.90 -11.64
CA ALA C 47 12.32 -2.18 -12.21
C ALA C 47 13.81 -2.41 -12.19
N GLU C 48 14.61 -1.43 -11.79
CA GLU C 48 16.04 -1.63 -11.61
C GLU C 48 16.39 -1.99 -10.18
N VAL C 49 15.40 -2.31 -9.35
CA VAL C 49 15.60 -2.55 -7.93
C VAL C 49 15.38 -4.03 -7.67
N ASP C 50 16.23 -4.62 -6.83
CA ASP C 50 16.21 -6.05 -6.55
C ASP C 50 14.93 -6.46 -5.83
N SER C 51 14.67 -7.76 -5.86
CA SER C 51 13.52 -8.39 -5.22
C SER C 51 13.74 -9.88 -5.17
N VAL C 52 13.54 -10.52 -4.03
CA VAL C 52 13.86 -11.93 -3.89
C VAL C 52 12.81 -12.77 -4.61
N VAL C 53 13.28 -13.75 -5.38
CA VAL C 53 12.46 -14.50 -6.33
C VAL C 53 12.07 -15.84 -5.68
N PRO C 54 10.80 -16.20 -5.67
CA PRO C 54 10.38 -17.48 -5.07
C PRO C 54 10.66 -18.69 -5.95
N VAL C 55 11.89 -19.19 -5.89
CA VAL C 55 12.29 -20.28 -6.77
C VAL C 55 11.78 -21.62 -6.26
N ASN C 56 11.68 -21.77 -4.94
CA ASN C 56 11.23 -23.03 -4.36
C ASN C 56 9.71 -23.06 -4.22
N ASN C 57 9.02 -23.16 -5.36
CA ASN C 57 7.56 -23.17 -5.33
C ASN C 57 7.02 -24.57 -5.05
N THR C 58 7.83 -25.59 -5.26
CA THR C 58 7.37 -26.96 -5.18
C THR C 58 7.29 -27.44 -3.74
N GLU C 59 6.14 -27.99 -3.33
CA GLU C 59 4.87 -27.90 -4.04
C GLU C 59 3.82 -27.60 -2.99
N GLY C 60 3.16 -26.45 -3.10
CA GLY C 60 2.41 -25.96 -1.97
C GLY C 60 3.23 -25.21 -0.97
N HIS C 61 4.49 -24.91 -1.29
CA HIS C 61 5.35 -24.08 -0.47
C HIS C 61 5.18 -22.60 -0.75
N VAL C 62 4.12 -22.20 -1.45
CA VAL C 62 3.90 -20.79 -1.71
C VAL C 62 3.12 -20.16 -0.56
N ASN C 63 2.51 -20.98 0.28
CA ASN C 63 1.74 -20.49 1.41
C ASN C 63 2.61 -20.41 2.67
N SER C 64 3.91 -20.23 2.50
CA SER C 64 4.82 -20.05 3.61
C SER C 64 6.02 -19.25 3.12
N MET C 65 6.99 -19.05 4.01
CA MET C 65 8.22 -18.38 3.64
C MET C 65 9.24 -19.34 3.04
N GLU C 66 8.87 -20.60 2.84
CA GLU C 66 9.73 -21.57 2.18
C GLU C 66 9.75 -21.42 0.67
N ALA C 67 9.01 -20.44 0.13
CA ALA C 67 9.03 -20.21 -1.31
C ALA C 67 10.36 -19.59 -1.74
N TYR C 68 10.87 -18.64 -0.96
CA TYR C 68 12.08 -17.94 -1.34
C TYR C 68 13.35 -18.71 -1.03
N ARG C 69 13.26 -19.82 -0.30
CA ARG C 69 14.44 -20.50 0.24
C ARG C 69 14.90 -21.58 -0.74
N ILE C 70 15.99 -21.31 -1.45
CA ILE C 70 16.65 -22.32 -2.26
C ILE C 70 17.58 -23.14 -1.36
N PRO C 71 17.34 -24.42 -1.15
CA PRO C 71 18.15 -25.18 -0.21
C PRO C 71 19.40 -25.79 -0.84
N VAL C 72 20.50 -25.73 -0.10
CA VAL C 72 21.75 -26.36 -0.48
C VAL C 72 22.26 -27.19 0.69
N ARG C 73 22.95 -28.27 0.37
CA ARG C 73 23.43 -29.21 1.38
C ARG C 73 24.70 -29.85 0.87
N PRO C 74 25.53 -30.41 1.77
CA PRO C 74 26.73 -31.13 1.32
C PRO C 74 26.38 -32.37 0.50
N GLN C 75 27.01 -32.49 -0.66
CA GLN C 75 26.65 -33.49 -1.65
C GLN C 75 27.54 -34.72 -1.55
N THR C 76 27.14 -35.77 -2.27
CA THR C 76 27.95 -36.97 -2.41
C THR C 76 28.64 -37.05 -3.76
N SER C 77 28.08 -36.43 -4.79
CA SER C 77 28.70 -36.34 -6.10
C SER C 77 28.53 -34.93 -6.63
N SER C 78 29.61 -34.37 -7.17
CA SER C 78 29.56 -33.01 -7.70
C SER C 78 28.79 -32.97 -9.02
N GLY C 79 28.43 -31.76 -9.42
CA GLY C 79 27.77 -31.55 -10.68
C GLY C 79 26.28 -31.72 -10.68
N GLU C 80 25.64 -31.66 -9.52
CA GLU C 80 24.19 -31.78 -9.44
C GLU C 80 23.53 -30.41 -9.53
N GLN C 81 22.23 -30.41 -9.78
CA GLN C 81 21.50 -29.19 -10.08
C GLN C 81 20.91 -28.58 -8.81
N VAL C 82 21.19 -27.30 -8.59
CA VAL C 82 20.61 -26.58 -7.45
C VAL C 82 19.17 -26.20 -7.72
N PHE C 83 18.95 -25.35 -8.72
CA PHE C 83 17.60 -24.99 -9.16
C PHE C 83 17.61 -24.87 -10.67
N GLY C 84 16.46 -24.47 -11.21
CA GLY C 84 16.34 -24.24 -12.64
C GLY C 84 14.99 -23.73 -13.04
N PHE C 85 14.95 -22.70 -13.88
CA PHE C 85 13.69 -22.19 -14.40
C PHE C 85 13.94 -21.58 -15.77
N GLN C 86 12.87 -21.46 -16.54
CA GLN C 86 12.96 -20.76 -17.82
C GLN C 86 13.08 -19.26 -17.58
N LEU C 87 13.69 -18.57 -18.54
CA LEU C 87 13.83 -17.12 -18.45
C LEU C 87 12.66 -16.48 -19.19
N GLN C 88 11.54 -16.37 -18.47
CA GLN C 88 10.36 -15.67 -18.97
C GLN C 88 9.93 -14.72 -17.87
N PRO C 89 10.40 -13.48 -17.90
CA PRO C 89 10.23 -12.58 -16.74
C PRO C 89 8.88 -11.91 -16.67
N GLY C 90 7.89 -12.43 -17.39
CA GLY C 90 6.54 -11.94 -17.25
C GLY C 90 5.52 -13.06 -17.27
N HIS C 91 5.97 -14.29 -17.54
CA HIS C 91 5.04 -15.39 -17.72
C HIS C 91 5.40 -16.60 -16.87
N ASP C 92 6.68 -16.81 -16.60
CA ASP C 92 7.08 -17.97 -15.80
C ASP C 92 6.66 -17.77 -14.35
N SER C 93 6.24 -18.87 -13.72
CA SER C 93 5.68 -18.82 -12.37
C SER C 93 6.69 -18.37 -11.33
N VAL C 94 7.98 -18.55 -11.60
CA VAL C 94 9.02 -18.07 -10.68
C VAL C 94 9.13 -16.56 -10.74
N LEU C 95 9.10 -15.99 -11.93
CA LEU C 95 9.47 -14.59 -12.14
C LEU C 95 8.32 -13.65 -12.45
N LYS C 96 7.10 -14.15 -12.66
CA LYS C 96 6.05 -13.23 -13.07
C LYS C 96 5.39 -12.52 -11.90
N HIS C 97 5.60 -12.98 -10.67
CA HIS C 97 4.93 -12.39 -9.52
C HIS C 97 5.86 -11.60 -8.62
N THR C 98 7.07 -11.29 -9.08
CA THR C 98 8.00 -10.49 -8.33
C THR C 98 7.88 -9.02 -8.76
N LEU C 99 8.78 -8.18 -8.27
CA LEU C 99 8.75 -6.76 -8.58
C LEU C 99 9.13 -6.46 -10.02
N LEU C 100 9.93 -7.33 -10.64
CA LEU C 100 10.12 -7.28 -12.09
C LEU C 100 9.02 -7.98 -12.84
N GLY C 101 8.13 -8.67 -12.14
CA GLY C 101 7.04 -9.35 -12.80
C GLY C 101 5.77 -8.53 -12.86
N GLU C 102 5.46 -7.80 -11.79
CA GLU C 102 4.21 -7.05 -11.76
C GLU C 102 4.27 -5.78 -12.59
N ILE C 103 5.46 -5.22 -12.81
CA ILE C 103 5.58 -4.06 -13.67
C ILE C 103 5.68 -4.47 -15.14
N LEU C 104 6.36 -5.58 -15.41
CA LEU C 104 6.49 -6.07 -16.79
C LEU C 104 5.18 -6.64 -17.31
N ASN C 105 4.30 -7.11 -16.42
CA ASN C 105 3.04 -7.65 -16.87
C ASN C 105 2.03 -6.57 -17.26
N TYR C 106 2.32 -5.31 -16.97
CA TYR C 106 1.52 -4.21 -17.48
C TYR C 106 1.83 -3.87 -18.93
N TYR C 107 2.84 -4.49 -19.51
CA TYR C 107 3.30 -4.17 -20.86
C TYR C 107 3.18 -5.39 -21.75
N ALA C 108 3.69 -5.28 -22.97
CA ALA C 108 3.63 -6.36 -23.93
C ALA C 108 4.97 -6.71 -24.57
N ASN C 109 5.92 -5.77 -24.64
CA ASN C 109 7.26 -6.04 -25.10
C ASN C 109 8.25 -5.70 -23.99
N TRP C 110 9.47 -6.22 -24.11
CA TRP C 110 10.56 -5.82 -23.24
C TRP C 110 11.89 -6.05 -23.94
N SER C 111 12.84 -5.17 -23.67
CA SER C 111 14.18 -5.26 -24.22
C SER C 111 15.19 -5.31 -23.10
N GLY C 112 16.45 -5.47 -23.47
CA GLY C 112 17.55 -5.29 -22.54
C GLY C 112 17.81 -6.49 -21.65
N SER C 113 19.00 -6.49 -21.08
CA SER C 113 19.50 -7.54 -20.22
C SER C 113 18.93 -7.43 -18.81
N MET C 114 19.26 -8.41 -17.96
CA MET C 114 18.80 -8.44 -16.59
C MET C 114 19.96 -8.88 -15.68
N LYS C 115 19.70 -8.89 -14.39
CA LYS C 115 20.65 -9.38 -13.40
C LYS C 115 20.01 -10.50 -12.60
N LEU C 116 20.84 -11.31 -11.94
CA LEU C 116 20.35 -12.34 -11.01
C LEU C 116 21.35 -12.41 -9.85
N THR C 117 21.08 -11.62 -8.82
CA THR C 117 22.01 -11.48 -7.70
C THR C 117 21.70 -12.50 -6.62
N PHE C 118 22.71 -13.21 -6.16
CA PHE C 118 22.56 -14.29 -5.19
C PHE C 118 23.07 -13.84 -3.83
N MET C 119 22.81 -14.67 -2.82
CA MET C 119 23.19 -14.35 -1.45
C MET C 119 23.22 -15.65 -0.66
N TYR C 120 24.40 -16.09 -0.25
CA TYR C 120 24.51 -17.27 0.59
C TYR C 120 24.11 -16.89 2.01
N CYS C 121 23.03 -17.49 2.50
CA CYS C 121 22.53 -17.25 3.85
C CYS C 121 22.84 -18.43 4.77
N GLY C 122 24.01 -19.04 4.59
CA GLY C 122 24.45 -20.13 5.43
C GLY C 122 25.37 -19.67 6.54
N ALA C 123 25.99 -20.64 7.20
CA ALA C 123 26.89 -20.35 8.31
C ALA C 123 28.19 -19.75 7.80
N ALA C 124 28.86 -18.99 8.67
CA ALA C 124 30.04 -18.24 8.28
C ALA C 124 31.28 -19.11 8.14
N MET C 125 31.23 -20.35 8.59
CA MET C 125 32.35 -21.28 8.45
C MET C 125 32.19 -22.23 7.27
N ALA C 126 31.00 -22.32 6.69
CA ALA C 126 30.77 -23.18 5.55
C ALA C 126 31.42 -22.60 4.30
N THR C 127 31.56 -23.46 3.28
CA THR C 127 32.27 -23.10 2.07
C THR C 127 31.65 -23.84 0.90
N GLY C 128 31.32 -23.11 -0.16
CA GLY C 128 30.79 -23.73 -1.36
C GLY C 128 31.27 -23.03 -2.62
N LYS C 129 30.99 -23.65 -3.76
CA LYS C 129 31.23 -23.06 -5.06
C LYS C 129 30.11 -23.47 -5.98
N PHE C 130 29.59 -22.53 -6.77
CA PHE C 130 28.46 -22.79 -7.63
C PHE C 130 28.73 -22.24 -9.02
N LEU C 131 27.99 -22.78 -9.99
CA LEU C 131 28.13 -22.42 -11.40
C LEU C 131 26.74 -22.07 -11.91
N ILE C 132 26.46 -20.78 -12.07
CA ILE C 132 25.14 -20.32 -12.49
C ILE C 132 25.21 -20.10 -14.00
N ALA C 133 24.29 -20.70 -14.74
CA ALA C 133 24.39 -20.69 -16.19
C ALA C 133 23.08 -20.26 -16.85
N TYR C 134 23.20 -19.43 -17.89
CA TYR C 134 22.08 -19.03 -18.75
C TYR C 134 22.36 -19.53 -20.14
N SER C 135 21.49 -20.39 -20.66
CA SER C 135 21.72 -20.93 -21.98
C SER C 135 20.66 -20.44 -22.94
N PRO C 136 21.07 -19.95 -24.12
CA PRO C 136 20.08 -19.49 -25.10
C PRO C 136 19.26 -20.66 -25.62
N PRO C 137 18.04 -20.40 -26.15
CA PRO C 137 17.06 -21.48 -26.27
C PRO C 137 17.21 -22.42 -27.46
N GLY C 138 18.38 -22.48 -28.08
CA GLY C 138 18.60 -23.37 -29.19
C GLY C 138 18.43 -24.86 -28.92
N ALA C 139 19.31 -25.45 -28.11
CA ALA C 139 19.39 -26.90 -28.00
C ALA C 139 18.57 -27.48 -26.86
N GLY C 140 17.73 -26.69 -26.20
CA GLY C 140 16.91 -27.23 -25.14
C GLY C 140 17.48 -27.00 -23.76
N VAL C 141 17.06 -27.81 -22.81
CA VAL C 141 17.51 -27.68 -21.42
C VAL C 141 18.88 -28.34 -21.31
N PRO C 142 19.85 -27.71 -20.66
CA PRO C 142 21.12 -28.40 -20.37
C PRO C 142 20.89 -29.54 -19.38
N GLY C 143 21.42 -30.71 -19.73
CA GLY C 143 21.17 -31.90 -18.94
C GLY C 143 22.03 -32.04 -17.71
N SER C 144 23.33 -31.76 -17.85
CA SER C 144 24.28 -31.87 -16.76
C SER C 144 25.15 -30.63 -16.75
N ARG C 145 26.14 -30.62 -15.84
CA ARG C 145 27.05 -29.48 -15.74
C ARG C 145 27.98 -29.39 -16.94
N ARG C 146 28.27 -30.52 -17.58
CA ARG C 146 29.10 -30.52 -18.78
C ARG C 146 28.37 -29.88 -19.96
N ASP C 147 27.05 -30.02 -20.02
CA ASP C 147 26.28 -29.36 -21.06
C ASP C 147 26.02 -27.90 -20.77
N ALA C 148 26.03 -27.50 -19.49
CA ALA C 148 25.73 -26.13 -19.12
C ALA C 148 26.97 -25.26 -18.98
N MET C 149 28.16 -25.85 -18.93
CA MET C 149 29.39 -25.08 -18.89
C MET C 149 29.73 -24.47 -20.25
N LEU C 150 29.07 -24.90 -21.32
CA LEU C 150 29.39 -24.42 -22.64
C LEU C 150 28.73 -23.09 -22.95
N GLY C 151 27.61 -22.79 -22.32
CA GLY C 151 26.94 -21.52 -22.51
C GLY C 151 27.56 -20.42 -21.68
N THR C 152 26.76 -19.40 -21.39
CA THR C 152 27.17 -18.37 -20.46
C THR C 152 27.15 -18.94 -19.05
N HIS C 153 28.18 -18.66 -18.26
CA HIS C 153 28.22 -19.13 -16.89
C HIS C 153 29.12 -18.24 -16.05
N VAL C 154 28.94 -18.32 -14.73
CA VAL C 154 29.74 -17.58 -13.75
C VAL C 154 29.99 -18.50 -12.58
N ILE C 155 31.26 -18.68 -12.21
CA ILE C 155 31.64 -19.53 -11.09
C ILE C 155 31.65 -18.66 -9.82
N TRP C 156 30.68 -18.88 -8.96
CA TRP C 156 30.53 -18.09 -7.73
C TRP C 156 31.27 -18.80 -6.61
N ASP C 157 32.20 -18.09 -5.99
CA ASP C 157 32.95 -18.57 -4.83
C ASP C 157 32.41 -17.90 -3.58
N VAL C 158 32.12 -18.70 -2.56
CA VAL C 158 31.52 -18.22 -1.33
C VAL C 158 32.62 -17.84 -0.36
N GLY C 159 32.74 -16.54 -0.06
CA GLY C 159 33.75 -16.06 0.86
C GLY C 159 33.25 -14.97 1.77
N LEU C 160 34.06 -13.93 2.00
CA LEU C 160 33.61 -12.82 2.83
C LEU C 160 32.59 -11.97 2.09
N GLN C 161 32.79 -11.74 0.80
CA GLN C 161 31.73 -11.22 -0.06
C GLN C 161 30.70 -12.32 -0.29
N SER C 162 29.49 -12.12 0.20
CA SER C 162 28.46 -13.15 0.20
C SER C 162 27.42 -12.94 -0.89
N SER C 163 27.84 -12.47 -2.07
CA SER C 163 26.90 -12.25 -3.16
C SER C 163 27.64 -12.34 -4.48
N CYS C 164 26.92 -12.77 -5.52
CA CYS C 164 27.50 -12.83 -6.86
C CYS C 164 26.41 -12.58 -7.89
N VAL C 165 26.72 -11.74 -8.87
CA VAL C 165 25.74 -11.22 -9.80
C VAL C 165 25.99 -11.86 -11.16
N LEU C 166 25.16 -12.82 -11.53
CA LEU C 166 25.12 -13.28 -12.91
C LEU C 166 24.29 -12.28 -13.70
N CYS C 167 24.92 -11.64 -14.68
CA CYS C 167 24.25 -10.65 -15.51
C CYS C 167 23.84 -11.36 -16.79
N VAL C 168 22.57 -11.77 -16.86
CA VAL C 168 22.04 -12.48 -18.02
C VAL C 168 21.95 -11.53 -19.19
N PRO C 169 22.74 -11.73 -20.24
CA PRO C 169 22.84 -10.73 -21.31
C PRO C 169 21.65 -10.80 -22.26
N TRP C 170 21.71 -9.99 -23.30
CA TRP C 170 20.63 -9.85 -24.26
C TRP C 170 21.11 -10.43 -25.59
N ILE C 171 20.75 -11.68 -25.85
CA ILE C 171 21.06 -12.34 -27.11
C ILE C 171 19.73 -12.71 -27.74
N SER C 172 19.41 -12.08 -28.87
CA SER C 172 18.13 -12.28 -29.52
C SER C 172 18.26 -11.84 -30.97
N GLN C 173 17.39 -12.40 -31.81
CA GLN C 173 17.30 -11.96 -33.19
C GLN C 173 16.31 -10.83 -33.39
N THR C 174 15.39 -10.64 -32.43
CA THR C 174 14.43 -9.57 -32.45
C THR C 174 14.85 -8.48 -31.47
N ASN C 175 14.49 -7.24 -31.80
CA ASN C 175 14.82 -6.12 -30.91
C ASN C 175 14.02 -6.17 -29.62
N TYR C 176 12.83 -6.77 -29.64
CA TYR C 176 11.99 -6.89 -28.46
C TYR C 176 11.55 -8.34 -28.30
N ARG C 177 11.18 -8.69 -27.09
CA ARG C 177 10.61 -10.00 -26.79
C ARG C 177 9.28 -9.81 -26.10
N TYR C 178 8.34 -10.71 -26.37
CA TYR C 178 7.01 -10.59 -25.82
C TYR C 178 6.99 -10.99 -24.35
N VAL C 179 6.13 -10.34 -23.58
CA VAL C 179 6.00 -10.65 -22.16
C VAL C 179 5.29 -11.99 -21.97
N THR C 180 4.04 -12.08 -22.43
CA THR C 180 3.38 -13.37 -22.51
C THR C 180 4.01 -14.14 -23.66
N SER C 181 4.52 -15.34 -23.37
CA SER C 181 5.52 -15.96 -24.22
C SER C 181 4.92 -16.52 -25.50
N ASP C 182 5.54 -16.19 -26.62
CA ASP C 182 5.32 -16.86 -27.89
C ASP C 182 6.60 -17.59 -28.27
N ALA C 183 6.46 -18.63 -29.09
CA ALA C 183 7.59 -19.48 -29.43
C ALA C 183 8.57 -18.82 -30.38
N TYR C 184 8.22 -17.69 -30.98
CA TYR C 184 9.17 -16.97 -31.82
C TYR C 184 10.22 -16.24 -31.00
N THR C 185 9.87 -15.76 -29.82
CA THR C 185 10.74 -14.95 -28.98
C THR C 185 11.00 -15.62 -27.64
N ASP C 186 11.32 -16.92 -27.66
CA ASP C 186 11.69 -17.61 -26.44
C ASP C 186 13.10 -17.17 -26.03
N ALA C 187 13.34 -17.13 -24.72
CA ALA C 187 14.49 -16.39 -24.20
C ALA C 187 15.56 -17.23 -23.51
N GLY C 188 15.26 -18.43 -23.04
CA GLY C 188 16.33 -19.26 -22.57
C GLY C 188 15.97 -20.00 -21.30
N TYR C 189 17.00 -20.43 -20.58
CA TYR C 189 16.87 -21.20 -19.35
C TYR C 189 17.96 -20.80 -18.38
N ILE C 190 17.63 -20.69 -17.09
CA ILE C 190 18.59 -20.35 -16.05
C ILE C 190 18.77 -21.55 -15.14
N THR C 191 19.99 -22.06 -15.05
CA THR C 191 20.31 -23.20 -14.21
C THR C 191 21.35 -22.79 -13.17
N CYS C 192 21.68 -23.74 -12.29
CA CYS C 192 22.72 -23.53 -11.28
C CYS C 192 23.18 -24.90 -10.81
N TRP C 193 24.48 -25.15 -10.88
CA TRP C 193 25.03 -26.47 -10.61
C TRP C 193 26.09 -26.40 -9.52
N TYR C 194 26.21 -27.49 -8.76
CA TYR C 194 27.22 -27.62 -7.72
C TYR C 194 28.59 -27.67 -8.37
N GLN C 195 29.39 -26.62 -8.20
CA GLN C 195 30.69 -26.59 -8.84
C GLN C 195 31.65 -27.55 -8.16
N THR C 196 31.81 -27.45 -6.84
CA THR C 196 32.53 -28.49 -6.10
C THR C 196 31.63 -29.23 -5.13
N SER C 197 31.17 -28.58 -4.05
CA SER C 197 30.36 -29.14 -2.97
C SER C 197 30.10 -28.07 -1.93
N ILE C 198 29.43 -28.45 -0.84
CA ILE C 198 29.43 -27.67 0.40
C ILE C 198 30.28 -28.44 1.41
N VAL C 199 31.29 -27.78 1.97
CA VAL C 199 32.17 -28.38 2.96
C VAL C 199 32.08 -27.58 4.24
N THR C 200 31.69 -28.24 5.34
CA THR C 200 31.41 -27.62 6.62
C THR C 200 32.29 -28.22 7.72
N PRO C 201 32.61 -27.43 8.75
CA PRO C 201 33.21 -28.01 9.96
C PRO C 201 32.16 -28.76 10.75
N PRO C 202 32.54 -29.51 11.79
CA PRO C 202 31.54 -30.18 12.64
C PRO C 202 30.71 -29.18 13.43
N ASP C 203 29.59 -29.69 13.94
CA ASP C 203 28.60 -28.95 14.75
C ASP C 203 28.01 -27.78 13.97
N ILE C 204 27.58 -28.03 12.74
CA ILE C 204 26.88 -27.07 11.90
C ILE C 204 25.78 -27.84 11.18
N PRO C 205 24.54 -27.32 11.11
CA PRO C 205 23.46 -28.04 10.44
C PRO C 205 23.67 -28.09 8.93
N THR C 206 22.98 -29.06 8.31
CA THR C 206 23.22 -29.36 6.91
C THR C 206 22.48 -28.42 5.97
N THR C 207 21.17 -28.27 6.16
CA THR C 207 20.35 -27.52 5.22
C THR C 207 20.60 -26.02 5.35
N SER C 208 21.02 -25.40 4.26
CA SER C 208 21.25 -23.97 4.18
C SER C 208 20.24 -23.35 3.22
N THR C 209 20.43 -22.07 2.92
CA THR C 209 19.47 -21.32 2.11
C THR C 209 20.23 -20.31 1.27
N ILE C 210 19.87 -20.21 -0.01
CA ILE C 210 20.41 -19.20 -0.92
C ILE C 210 19.26 -18.34 -1.40
N LEU C 211 19.37 -17.03 -1.23
CA LEU C 211 18.35 -16.10 -1.70
C LEU C 211 18.73 -15.53 -3.06
N CYS C 212 17.77 -15.46 -3.97
CA CYS C 212 17.98 -15.07 -5.35
C CYS C 212 17.18 -13.80 -5.65
N PHE C 213 17.86 -12.74 -6.04
CA PHE C 213 17.23 -11.48 -6.39
C PHE C 213 17.33 -11.23 -7.90
N VAL C 214 16.28 -10.65 -8.48
CA VAL C 214 16.27 -10.32 -9.89
C VAL C 214 16.16 -8.80 -10.04
N SER C 215 16.80 -8.27 -11.08
CA SER C 215 16.77 -6.85 -11.37
C SER C 215 16.93 -6.67 -12.87
N ALA C 216 16.88 -5.41 -13.30
CA ALA C 216 17.16 -5.06 -14.68
C ALA C 216 18.41 -4.19 -14.73
N CYS C 217 19.11 -4.22 -15.85
CA CYS C 217 20.31 -3.40 -16.02
C CYS C 217 19.91 -2.01 -16.48
N ASN C 218 20.88 -1.21 -16.93
CA ASN C 218 20.59 0.13 -17.42
C ASN C 218 20.32 0.17 -18.91
N ASP C 219 19.93 -0.97 -19.52
CA ASP C 219 19.51 -0.98 -20.91
C ASP C 219 18.14 -1.63 -21.07
N PHE C 220 17.41 -1.79 -19.99
CA PHE C 220 16.06 -2.32 -20.05
C PHE C 220 15.11 -1.29 -20.63
N SER C 221 14.08 -1.76 -21.33
CA SER C 221 13.07 -0.90 -21.91
C SER C 221 11.82 -1.73 -22.14
N VAL C 222 10.65 -1.11 -21.95
CA VAL C 222 9.38 -1.80 -22.15
C VAL C 222 8.50 -0.96 -23.05
N ARG C 223 7.47 -1.60 -23.59
CA ARG C 223 6.68 -1.04 -24.67
C ARG C 223 5.28 -1.62 -24.62
N LEU C 224 4.35 -0.96 -25.33
CA LEU C 224 3.02 -1.48 -25.67
C LEU C 224 2.19 -1.80 -24.43
N LEU C 225 1.75 -0.72 -23.78
CA LEU C 225 0.90 -0.79 -22.58
C LEU C 225 -0.32 -1.67 -22.78
N ARG C 226 -0.69 -2.40 -21.72
CA ARG C 226 -1.91 -3.18 -21.67
C ARG C 226 -2.33 -3.27 -20.21
N ASP C 227 -3.32 -4.10 -19.94
CA ASP C 227 -3.81 -4.29 -18.58
C ASP C 227 -3.39 -5.65 -18.04
N THR C 228 -3.05 -5.68 -16.78
CA THR C 228 -2.45 -6.83 -16.12
C THR C 228 -3.47 -7.95 -15.93
N PRO C 229 -3.09 -9.19 -16.18
CA PRO C 229 -3.99 -10.31 -15.89
C PRO C 229 -3.86 -10.85 -14.47
N PHE C 230 -3.77 -9.97 -13.49
CA PHE C 230 -3.58 -10.38 -12.09
C PHE C 230 -4.70 -9.91 -11.18
N ILE C 231 -5.25 -8.73 -11.41
CA ILE C 231 -6.34 -8.21 -10.60
C ILE C 231 -7.59 -8.24 -11.46
N THR C 232 -8.49 -9.15 -11.12
CA THR C 232 -9.78 -9.30 -11.79
C THR C 232 -10.89 -8.88 -10.84
N GLN C 233 -12.09 -8.71 -11.41
CA GLN C 233 -13.28 -8.44 -10.61
C GLN C 233 -14.51 -8.85 -11.40
N GLN C 234 -15.60 -9.08 -10.68
CA GLN C 234 -16.88 -9.41 -11.30
C GLN C 234 -17.87 -8.25 -11.22
N ALA C 235 -18.11 -7.75 -10.01
CA ALA C 235 -19.01 -6.63 -9.77
C ALA C 235 -18.22 -5.45 -9.21
N LEU C 236 -18.88 -4.31 -9.09
CA LEU C 236 -18.24 -3.15 -8.48
C LEU C 236 -18.08 -3.37 -6.99
N PHE C 237 -17.09 -2.71 -6.42
CA PHE C 237 -16.87 -2.73 -4.98
C PHE C 237 -17.73 -1.65 -4.34
N GLN C 238 -18.26 -1.95 -3.16
CA GLN C 238 -19.09 -0.98 -2.45
C GLN C 238 -18.52 -0.73 -1.06
N GLY D 1 0.65 33.61 -29.29
CA GLY D 1 1.86 33.01 -28.80
C GLY D 1 1.93 31.51 -29.04
N ALA D 2 2.49 31.13 -30.19
CA ALA D 2 2.52 29.74 -30.61
C ALA D 2 3.74 29.04 -30.04
N GLN D 3 3.63 27.72 -29.91
CA GLN D 3 4.73 26.89 -29.46
C GLN D 3 4.93 25.76 -30.45
N VAL D 4 6.16 25.59 -30.92
CA VAL D 4 6.51 24.59 -31.91
C VAL D 4 7.57 23.69 -31.31
N SER D 5 7.26 22.40 -31.16
CA SER D 5 8.23 21.49 -30.57
C SER D 5 8.39 20.25 -31.44
N THR D 6 9.12 19.25 -30.94
CA THR D 6 9.53 18.11 -31.74
C THR D 6 8.52 16.98 -31.60
N GLN D 7 8.17 16.37 -32.72
CA GLN D 7 7.31 15.19 -32.72
C GLN D 7 8.09 13.97 -32.28
N LYS D 8 7.37 12.89 -32.02
CA LYS D 8 7.98 11.63 -31.62
C LYS D 8 8.13 10.75 -32.85
N THR D 9 9.35 10.66 -33.38
CA THR D 9 9.64 9.84 -34.54
C THR D 9 10.76 8.86 -34.23
N GLY D 10 10.83 7.79 -35.02
CA GLY D 10 11.82 6.75 -34.82
C GLY D 10 13.22 7.20 -35.18
N ALA D 11 14.19 6.41 -34.73
CA ALA D 11 15.60 6.75 -34.85
C ALA D 11 16.30 5.72 -35.73
N HIS D 12 16.89 6.19 -36.82
CA HIS D 12 17.58 5.32 -37.76
C HIS D 12 18.98 4.96 -37.27
N ILE D 23 8.11 19.44 -40.55
CA ILE D 23 7.57 18.16 -40.95
C ILE D 23 7.74 17.18 -39.78
N ILE D 24 8.71 17.47 -38.92
CA ILE D 24 8.91 16.73 -37.67
C ILE D 24 8.63 17.74 -36.56
N HIS D 25 7.62 18.58 -36.76
CA HIS D 25 7.20 19.53 -35.75
C HIS D 25 5.70 19.37 -35.48
N TYR D 26 5.23 20.09 -34.47
CA TYR D 26 3.81 20.21 -34.20
C TYR D 26 3.56 21.56 -33.56
N THR D 27 2.29 21.92 -33.42
CA THR D 27 1.91 23.27 -33.00
C THR D 27 0.88 23.20 -31.89
N ASN D 28 1.14 23.90 -30.79
CA ASN D 28 0.28 23.87 -29.63
C ASN D 28 -0.11 25.29 -29.24
N ILE D 29 -1.41 25.57 -29.26
CA ILE D 29 -1.97 26.83 -28.79
C ILE D 29 -2.83 26.50 -27.59
N ASN D 30 -2.47 27.03 -26.42
CA ASN D 30 -3.30 26.85 -25.24
C ASN D 30 -4.50 27.79 -25.35
N TYR D 31 -5.70 27.24 -25.28
CA TYR D 31 -6.89 28.08 -25.46
C TYR D 31 -7.42 28.61 -24.14
N TYR D 32 -7.51 27.77 -23.12
CA TYR D 32 -8.19 28.13 -21.89
C TYR D 32 -7.23 28.79 -20.91
N LYS D 33 -7.79 29.59 -20.01
CA LYS D 33 -6.97 30.46 -19.19
C LYS D 33 -6.30 29.74 -18.03
N ASP D 34 -6.71 28.52 -17.71
CA ASP D 34 -6.13 27.81 -16.59
C ASP D 34 -4.93 26.98 -17.05
N SER D 35 -4.42 26.17 -16.13
CA SER D 35 -3.37 25.22 -16.45
C SER D 35 -3.81 23.78 -16.25
N ALA D 36 -4.96 23.57 -15.60
CA ALA D 36 -5.56 22.25 -15.56
C ALA D 36 -6.19 21.87 -16.89
N SER D 37 -6.45 22.86 -17.75
CA SER D 37 -7.06 22.65 -19.05
C SER D 37 -6.04 22.43 -20.14
N ASN D 38 -4.81 22.08 -19.79
CA ASN D 38 -3.79 21.82 -20.80
C ASN D 38 -3.92 20.41 -21.33
N SER D 39 -3.10 20.09 -22.33
CA SER D 39 -2.96 18.73 -22.80
C SER D 39 -2.05 17.95 -21.86
N LEU D 40 -1.88 16.67 -22.14
CA LEU D 40 -0.99 15.86 -21.32
C LEU D 40 0.46 16.22 -21.60
N ASN D 41 1.30 16.05 -20.58
CA ASN D 41 2.74 16.31 -20.73
C ASN D 41 3.42 14.99 -21.04
N ARG D 42 3.26 14.55 -22.29
CA ARG D 42 3.76 13.25 -22.72
C ARG D 42 5.23 13.27 -23.11
N GLN D 43 5.93 14.39 -22.95
CA GLN D 43 7.30 14.49 -23.44
C GLN D 43 8.29 14.88 -22.36
N ASP D 44 8.21 14.22 -21.20
CA ASP D 44 9.19 14.36 -20.14
C ASP D 44 9.77 12.98 -19.86
N PHE D 45 11.02 12.77 -20.25
CA PHE D 45 11.66 11.48 -20.09
C PHE D 45 12.88 11.56 -19.18
N THR D 46 12.88 12.49 -18.23
CA THR D 46 13.96 12.57 -17.26
C THR D 46 13.77 11.51 -16.18
N GLN D 47 14.88 10.93 -15.74
CA GLN D 47 14.84 9.86 -14.76
C GLN D 47 16.10 9.91 -13.90
N ASP D 48 15.94 9.56 -12.62
CA ASP D 48 17.05 9.49 -11.69
C ASP D 48 16.81 8.31 -10.76
N PRO D 49 17.35 7.13 -11.11
CA PRO D 49 17.09 5.93 -10.33
C PRO D 49 18.11 5.65 -9.23
N SER D 50 18.99 6.59 -8.90
CA SER D 50 19.97 6.36 -7.86
C SER D 50 19.41 6.55 -6.46
N LYS D 51 18.17 7.03 -6.32
CA LYS D 51 17.55 7.08 -5.01
C LYS D 51 17.13 5.70 -4.55
N PHE D 52 16.79 4.82 -5.48
CA PHE D 52 16.31 3.49 -5.15
C PHE D 52 17.37 2.40 -5.35
N THR D 53 18.30 2.62 -6.27
CA THR D 53 19.34 1.64 -6.51
C THR D 53 20.53 1.86 -5.57
N GLU D 54 20.89 3.12 -5.32
CA GLU D 54 22.05 3.47 -4.50
C GLU D 54 21.63 4.38 -3.35
N PRO D 55 20.81 3.89 -2.40
CA PRO D 55 20.42 4.78 -1.30
C PRO D 55 21.38 4.73 -0.13
N VAL D 56 22.68 4.70 -0.39
CA VAL D 56 23.65 4.43 0.66
C VAL D 56 24.33 5.74 1.04
N LYS D 57 24.96 5.75 2.21
CA LYS D 57 25.64 6.93 2.72
C LYS D 57 27.09 6.99 2.25
N ASP D 58 27.82 5.90 2.40
CA ASP D 58 29.16 5.75 1.82
C ASP D 58 29.01 5.20 0.41
N VAL D 59 29.65 5.87 -0.55
CA VAL D 59 29.57 5.41 -1.93
C VAL D 59 30.32 4.09 -2.09
N MET D 60 29.80 3.22 -2.95
CA MET D 60 30.34 1.90 -3.16
C MET D 60 30.64 1.75 -4.65
N ILE D 61 31.93 1.74 -4.98
CA ILE D 61 32.36 1.56 -6.36
C ILE D 61 32.10 0.13 -6.78
N LYS D 62 31.63 -0.07 -8.02
CA LYS D 62 31.20 -1.39 -8.46
C LYS D 62 32.37 -2.35 -8.67
N THR D 63 33.60 -1.85 -8.73
CA THR D 63 34.76 -2.73 -8.92
C THR D 63 35.45 -3.08 -7.62
N LEU D 64 35.46 -2.17 -6.64
CA LEU D 64 36.01 -2.47 -5.33
C LEU D 64 35.09 -3.42 -4.58
N PRO D 65 35.62 -4.15 -3.60
CA PRO D 65 34.74 -4.96 -2.74
C PRO D 65 33.88 -4.08 -1.86
N ALA D 66 32.62 -4.48 -1.70
CA ALA D 66 31.68 -3.74 -0.86
C ALA D 66 31.93 -3.93 0.62
N LEU D 67 32.72 -4.94 1.00
CA LEU D 67 33.06 -5.17 2.40
C LEU D 67 34.58 -5.12 2.58
N CYS E 1 -63.54 30.48 -2.70
CA CYS E 1 -63.43 29.02 -2.59
C CYS E 1 -62.97 28.42 -3.91
N ASN E 2 -62.99 27.09 -3.97
CA ASN E 2 -62.82 26.24 -5.15
C ASN E 2 -61.39 26.19 -5.69
N ARG E 3 -60.50 27.02 -5.16
CA ARG E 3 -59.08 26.97 -5.55
C ARG E 3 -58.28 26.63 -4.30
N SER E 4 -58.05 25.34 -4.10
CA SER E 4 -57.39 24.84 -2.91
C SER E 4 -55.95 24.49 -3.24
N CYS E 5 -55.08 24.69 -2.25
CA CYS E 5 -53.70 24.25 -2.38
C CYS E 5 -53.64 22.72 -2.29
N GLU E 6 -52.50 22.17 -2.71
CA GLU E 6 -52.29 20.74 -2.57
C GLU E 6 -51.92 20.41 -1.13
N VAL E 7 -51.55 19.16 -0.90
CA VAL E 7 -51.17 18.69 0.43
C VAL E 7 -49.83 19.33 0.79
N PRO E 8 -49.57 19.61 2.07
CA PRO E 8 -48.29 20.19 2.46
C PRO E 8 -47.14 19.21 2.24
N THR E 9 -45.94 19.77 2.14
CA THR E 9 -44.77 19.03 1.70
C THR E 9 -44.36 17.96 2.72
N ARG E 10 -43.81 16.87 2.21
CA ARG E 10 -43.38 15.75 3.06
C ARG E 10 -42.02 16.13 3.64
N LEU E 11 -42.03 16.63 4.88
CA LEU E 11 -40.80 16.94 5.59
C LEU E 11 -40.37 15.71 6.39
N ASN E 12 -39.07 15.40 6.32
CA ASN E 12 -38.60 14.15 6.90
C ASN E 12 -38.48 14.24 8.42
N SER E 13 -38.46 15.45 8.97
CA SER E 13 -38.36 15.65 10.41
C SER E 13 -39.47 16.55 10.91
N ALA E 14 -40.69 16.35 10.42
CA ALA E 14 -41.87 17.11 10.80
C ALA E 14 -43.11 16.37 10.32
N SER E 15 -44.23 16.61 10.96
CA SER E 15 -45.51 16.05 10.54
C SER E 15 -46.62 17.05 10.85
N LEU E 16 -47.79 16.80 10.30
CA LEU E 16 -48.90 17.71 10.52
C LEU E 16 -49.60 17.38 11.82
N LYS E 17 -50.05 18.42 12.51
CA LYS E 17 -50.84 18.24 13.72
C LYS E 17 -52.31 18.10 13.36
N GLN E 18 -53.08 17.58 14.31
CA GLN E 18 -54.51 17.52 14.14
C GLN E 18 -55.09 18.94 14.27
N PRO E 19 -56.10 19.29 13.44
CA PRO E 19 -56.77 18.47 12.44
C PRO E 19 -56.29 18.70 11.02
N TYR E 20 -55.06 19.21 10.87
CA TYR E 20 -54.56 19.54 9.53
C TYR E 20 -54.18 18.32 8.73
N ILE E 21 -54.01 17.15 9.36
CA ILE E 21 -53.44 16.01 8.65
C ILE E 21 -54.52 15.28 7.83
N THR E 22 -55.78 15.31 8.26
CA THR E 22 -56.82 14.54 7.57
C THR E 22 -57.48 15.30 6.44
N GLN E 23 -57.59 16.62 6.54
CA GLN E 23 -58.29 17.40 5.54
C GLN E 23 -57.44 17.58 4.28
N ASN E 24 -58.13 17.77 3.16
CA ASN E 24 -57.49 18.00 1.88
C ASN E 24 -57.89 19.30 1.21
N TYR E 25 -58.65 20.16 1.90
CA TYR E 25 -59.05 21.45 1.36
C TYR E 25 -58.34 22.54 2.15
N PHE E 26 -57.41 23.25 1.50
CA PHE E 26 -56.72 24.38 2.10
C PHE E 26 -56.89 25.58 1.20
N PRO E 27 -57.58 26.63 1.65
CA PRO E 27 -57.70 27.85 0.82
C PRO E 27 -56.42 28.67 0.82
N VAL E 28 -56.42 29.83 0.17
CA VAL E 28 -55.26 30.69 0.26
C VAL E 28 -55.25 31.39 1.61
N GLY E 29 -54.05 31.70 2.10
CA GLY E 29 -53.91 32.33 3.40
C GLY E 29 -54.23 31.45 4.58
N THR E 30 -54.29 30.13 4.39
CA THR E 30 -54.49 29.21 5.51
C THR E 30 -53.15 28.93 6.16
N VAL E 31 -53.18 28.38 7.36
CA VAL E 31 -51.96 28.06 8.09
C VAL E 31 -52.00 26.61 8.52
N VAL E 32 -50.82 25.98 8.58
CA VAL E 32 -50.67 24.62 9.07
C VAL E 32 -49.49 24.57 10.03
N GLU E 33 -49.65 23.82 11.11
CA GLU E 33 -48.67 23.77 12.18
C GLU E 33 -48.01 22.40 12.24
N TYR E 34 -46.73 22.39 12.56
CA TYR E 34 -45.91 21.18 12.46
C TYR E 34 -45.36 20.78 13.83
N GLU E 35 -45.76 19.60 14.30
CA GLU E 35 -45.02 18.88 15.34
C GLU E 35 -44.18 17.83 14.64
N CYS E 36 -43.12 17.38 15.30
CA CYS E 36 -42.18 16.51 14.61
C CYS E 36 -42.17 15.09 15.18
N ARG E 37 -41.47 14.23 14.45
CA ARG E 37 -41.48 12.79 14.66
C ARG E 37 -40.83 12.45 16.00
N PRO E 38 -41.14 11.25 16.59
CA PRO E 38 -40.54 10.86 17.87
C PRO E 38 -39.08 10.41 17.79
N GLY E 39 -38.25 11.21 17.13
CA GLY E 39 -36.82 11.06 17.16
C GLY E 39 -36.15 12.42 17.20
N TYR E 40 -36.95 13.47 17.10
CA TYR E 40 -36.45 14.81 16.84
C TYR E 40 -36.90 15.78 17.92
N ARG E 41 -36.27 16.95 17.92
CA ARG E 41 -36.49 17.98 18.94
C ARG E 41 -36.62 19.33 18.25
N ARG E 42 -37.46 20.20 18.82
CA ARG E 42 -37.77 21.46 18.16
C ARG E 42 -36.62 22.45 18.24
N GLU E 43 -36.28 23.03 17.10
CA GLU E 43 -35.32 24.12 17.04
C GLU E 43 -36.04 25.42 17.39
N PRO E 44 -35.54 26.21 18.35
CA PRO E 44 -36.30 27.37 18.81
C PRO E 44 -36.18 28.58 17.91
N SER E 45 -35.20 28.63 17.01
CA SER E 45 -35.00 29.82 16.20
C SER E 45 -36.03 29.94 15.08
N LEU E 46 -36.73 28.86 14.75
CA LEU E 46 -37.66 28.85 13.63
C LEU E 46 -39.09 28.74 14.12
N SER E 47 -40.03 29.09 13.24
CA SER E 47 -41.45 29.01 13.52
C SER E 47 -42.05 27.88 12.70
N PRO E 48 -42.57 26.82 13.32
CA PRO E 48 -43.06 25.66 12.54
C PRO E 48 -44.46 25.88 11.97
N LYS E 49 -44.55 26.79 11.00
CA LYS E 49 -45.83 27.09 10.36
C LYS E 49 -45.59 27.39 8.88
N LEU E 50 -46.58 26.99 8.07
CA LEU E 50 -46.56 27.23 6.63
C LEU E 50 -47.88 27.86 6.21
N THR E 51 -47.82 28.72 5.21
CA THR E 51 -49.01 29.35 4.66
C THR E 51 -49.18 29.02 3.19
N CYS E 52 -50.42 29.10 2.71
CA CYS E 52 -50.72 29.12 1.29
C CYS E 52 -50.50 30.52 0.76
N LEU E 53 -49.81 30.63 -0.37
CA LEU E 53 -49.62 31.90 -1.03
C LEU E 53 -50.81 32.15 -1.94
N GLN E 54 -50.72 33.16 -2.81
CA GLN E 54 -51.83 33.46 -3.71
C GLN E 54 -51.94 32.42 -4.82
N ASN E 55 -50.80 31.94 -5.32
CA ASN E 55 -50.78 31.07 -6.48
C ASN E 55 -50.80 29.60 -6.12
N LEU E 56 -51.51 29.24 -5.04
CA LEU E 56 -51.79 27.87 -4.61
C LEU E 56 -50.53 27.09 -4.27
N LYS E 57 -49.49 27.77 -3.78
CA LYS E 57 -48.24 27.15 -3.42
C LYS E 57 -47.93 27.45 -1.96
N TRP E 58 -47.46 26.44 -1.24
CA TRP E 58 -47.05 26.65 0.14
C TRP E 58 -45.76 27.46 0.20
N SER E 59 -45.53 28.08 1.35
CA SER E 59 -44.32 28.89 1.52
C SER E 59 -43.09 27.99 1.65
N THR E 60 -41.93 28.63 1.68
CA THR E 60 -40.66 27.92 1.65
C THR E 60 -40.45 27.20 2.97
N ALA E 61 -40.49 25.87 2.92
CA ALA E 61 -40.42 25.04 4.12
C ALA E 61 -38.97 24.67 4.39
N VAL E 62 -38.37 25.34 5.36
CA VAL E 62 -37.06 24.97 5.86
C VAL E 62 -37.26 23.91 6.95
N GLU E 63 -36.21 23.12 7.21
CA GLU E 63 -36.31 22.04 8.18
C GLU E 63 -36.45 22.60 9.60
N PHE E 64 -37.48 22.11 10.31
CA PHE E 64 -37.86 22.67 11.60
C PHE E 64 -37.22 21.91 12.76
N CYS E 65 -37.50 20.64 12.89
CA CYS E 65 -36.90 19.85 13.95
C CYS E 65 -35.60 19.21 13.47
N LYS E 66 -34.64 19.11 14.37
CA LYS E 66 -33.38 18.42 14.11
C LYS E 66 -33.28 17.20 15.03
N LYS E 67 -32.25 16.41 14.82
CA LYS E 67 -32.10 15.14 15.53
C LYS E 67 -31.77 15.37 17.00
N LYS E 68 -32.04 14.36 17.82
CA LYS E 68 -31.80 14.42 19.25
C LYS E 68 -30.47 13.76 19.57
N SER E 69 -29.69 14.40 20.44
CA SER E 69 -28.41 13.85 20.87
C SER E 69 -28.62 12.83 21.98
N CYS E 70 -28.02 11.66 21.82
CA CYS E 70 -27.97 10.65 22.87
C CYS E 70 -26.96 11.10 23.92
N PRO E 71 -26.96 10.49 25.12
CA PRO E 71 -25.90 10.78 26.08
C PRO E 71 -24.52 10.39 25.57
N ASN E 72 -23.50 11.00 26.17
CA ASN E 72 -22.13 10.73 25.77
C ASN E 72 -21.74 9.31 26.19
N PRO E 73 -21.09 8.54 25.32
CA PRO E 73 -20.77 7.15 25.66
C PRO E 73 -19.70 7.01 26.72
N GLY E 74 -18.95 8.06 27.01
CA GLY E 74 -17.95 7.98 28.08
C GLY E 74 -16.70 7.31 27.59
N GLU E 75 -16.23 6.31 28.34
CA GLU E 75 -15.00 5.61 28.01
C GLU E 75 -15.03 4.22 28.61
N ILE E 76 -14.63 3.23 27.81
CA ILE E 76 -14.42 1.88 28.30
C ILE E 76 -12.99 1.79 28.83
N ARG E 77 -12.84 1.39 30.08
CA ARG E 77 -11.51 1.14 30.61
C ARG E 77 -10.94 -0.11 29.98
N ASN E 78 -9.75 0.02 29.40
CA ASN E 78 -9.07 -1.02 28.61
C ASN E 78 -9.96 -1.53 27.49
N GLY E 79 -10.34 -0.62 26.60
CA GLY E 79 -11.16 -0.94 25.44
C GLY E 79 -11.16 0.21 24.47
N GLN E 80 -11.83 0.02 23.35
CA GLN E 80 -11.89 1.00 22.29
C GLN E 80 -13.34 1.19 21.86
N ILE E 81 -13.80 2.43 21.90
CA ILE E 81 -15.14 2.79 21.45
C ILE E 81 -15.02 3.45 20.09
N ASP E 82 -15.62 2.84 19.08
CA ASP E 82 -15.67 3.41 17.73
C ASP E 82 -16.95 4.22 17.60
N VAL E 83 -16.81 5.53 17.44
CA VAL E 83 -17.95 6.38 17.12
C VAL E 83 -17.71 6.94 15.73
N PRO E 84 -18.18 6.26 14.67
CA PRO E 84 -17.94 6.77 13.32
C PRO E 84 -19.08 7.60 12.77
N GLY E 85 -20.18 7.70 13.50
CA GLY E 85 -21.34 8.40 13.01
C GLY E 85 -22.03 9.30 14.02
N GLY E 86 -21.26 9.89 14.92
CA GLY E 86 -21.85 10.81 15.88
C GLY E 86 -22.63 10.07 16.95
N ILE E 87 -23.34 10.86 17.76
CA ILE E 87 -24.16 10.32 18.84
C ILE E 87 -25.59 10.84 18.70
N LEU E 88 -26.03 11.08 17.48
CA LEU E 88 -27.38 11.55 17.24
C LEU E 88 -28.35 10.37 17.23
N PHE E 89 -29.60 10.62 16.84
CA PHE E 89 -30.60 9.56 16.82
C PHE E 89 -30.34 8.62 15.64
N GLY E 90 -30.43 7.32 15.90
CA GLY E 90 -30.20 6.32 14.88
C GLY E 90 -28.74 6.06 14.57
N ALA E 91 -27.83 6.57 15.38
CA ALA E 91 -26.40 6.40 15.15
C ALA E 91 -25.91 5.14 15.85
N THR E 92 -24.99 4.43 15.19
CA THR E 92 -24.50 3.14 15.65
C THR E 92 -23.04 3.28 16.04
N ILE E 93 -22.70 2.78 17.23
CA ILE E 93 -21.32 2.78 17.69
C ILE E 93 -20.88 1.34 17.93
N SER E 94 -19.63 1.14 18.31
CA SER E 94 -19.11 -0.21 18.48
C SER E 94 -18.07 -0.22 19.60
N PHE E 95 -17.85 -1.41 20.15
CA PHE E 95 -16.88 -1.62 21.22
C PHE E 95 -16.00 -2.82 20.89
N SER E 96 -14.83 -2.83 21.51
CA SER E 96 -13.87 -3.92 21.43
C SER E 96 -12.89 -3.77 22.58
N CYS E 97 -12.18 -4.84 22.89
CA CYS E 97 -11.27 -4.84 24.03
C CYS E 97 -9.82 -4.99 23.56
N ASN E 98 -8.90 -4.91 24.51
CA ASN E 98 -7.48 -4.84 24.20
C ASN E 98 -6.91 -6.24 23.97
N THR E 99 -5.58 -6.34 23.87
CA THR E 99 -4.93 -7.63 23.66
C THR E 99 -4.92 -8.41 24.96
N GLY E 100 -5.35 -9.67 24.88
CA GLY E 100 -5.49 -10.48 26.07
C GLY E 100 -6.62 -10.02 26.97
N TYR E 101 -7.79 -9.76 26.39
CA TYR E 101 -8.92 -9.25 27.15
C TYR E 101 -10.20 -9.91 26.66
N LYS E 102 -11.13 -10.09 27.59
CA LYS E 102 -12.39 -10.76 27.31
C LYS E 102 -13.53 -9.75 27.36
N LEU E 103 -14.39 -9.83 26.35
CA LEU E 103 -15.49 -8.87 26.15
C LEU E 103 -16.76 -9.46 26.75
N PHE E 104 -17.24 -8.86 27.83
CA PHE E 104 -18.50 -9.26 28.46
C PHE E 104 -19.53 -8.18 28.17
N GLY E 105 -20.42 -8.46 27.23
CA GLY E 105 -21.39 -7.49 26.77
C GLY E 105 -21.49 -7.52 25.26
N SER E 106 -22.35 -6.68 24.70
CA SER E 106 -22.52 -6.66 23.26
C SER E 106 -21.37 -5.91 22.59
N THR E 107 -21.10 -6.27 21.34
CA THR E 107 -20.00 -5.63 20.62
C THR E 107 -20.38 -4.22 20.15
N SER E 108 -21.62 -4.04 19.69
CA SER E 108 -22.03 -2.77 19.10
C SER E 108 -23.30 -2.27 19.77
N SER E 109 -23.46 -0.95 19.81
CA SER E 109 -24.62 -0.31 20.42
C SER E 109 -25.33 0.58 19.42
N PHE E 110 -26.58 0.89 19.74
CA PHE E 110 -27.47 1.62 18.85
C PHE E 110 -28.33 2.56 19.70
N CYS E 111 -28.68 3.71 19.14
CA CYS E 111 -29.48 4.71 19.85
C CYS E 111 -30.90 4.69 19.29
N LEU E 112 -31.84 4.22 20.11
CA LEU E 112 -33.25 4.16 19.77
C LEU E 112 -34.06 4.96 20.78
N ILE E 113 -35.34 5.16 20.48
CA ILE E 113 -36.23 5.98 21.29
C ILE E 113 -36.82 5.13 22.40
N SER E 114 -36.92 5.70 23.60
CA SER E 114 -37.50 5.03 24.76
C SER E 114 -38.49 6.00 25.41
N GLY E 115 -39.71 6.05 24.88
CA GLY E 115 -40.68 6.97 25.40
C GLY E 115 -40.56 8.36 24.82
N SER E 116 -39.86 9.25 25.51
CA SER E 116 -39.70 10.63 25.08
C SER E 116 -38.25 11.05 24.82
N SER E 117 -37.27 10.31 25.34
CA SER E 117 -35.87 10.67 25.17
C SER E 117 -35.13 9.54 24.48
N VAL E 118 -33.94 9.85 23.99
CA VAL E 118 -33.11 8.90 23.25
C VAL E 118 -32.10 8.27 24.21
N GLN E 119 -32.01 6.94 24.17
CA GLN E 119 -31.07 6.20 25.01
C GLN E 119 -30.35 5.16 24.17
N TRP E 120 -29.23 4.70 24.68
CA TRP E 120 -28.52 3.58 24.06
C TRP E 120 -29.28 2.28 24.32
N SER E 121 -29.11 1.33 23.41
CA SER E 121 -29.85 0.08 23.50
C SER E 121 -29.28 -0.89 24.53
N ASP E 122 -28.05 -0.69 24.98
CA ASP E 122 -27.38 -1.64 25.85
C ASP E 122 -26.20 -0.95 26.54
N PRO E 123 -25.85 -1.37 27.75
CA PRO E 123 -24.73 -0.74 28.45
C PRO E 123 -23.37 -1.11 27.88
N LEU E 124 -22.33 -0.68 28.60
CA LEU E 124 -20.97 -0.80 28.11
C LEU E 124 -20.27 -2.01 28.74
N PRO E 125 -19.45 -2.72 27.96
CA PRO E 125 -18.60 -3.77 28.53
C PRO E 125 -17.46 -3.19 29.37
N GLU E 126 -16.73 -4.08 30.05
CA GLU E 126 -15.97 -3.63 31.22
C GLU E 126 -14.59 -3.04 30.85
N CYS E 127 -13.72 -3.73 30.08
CA CYS E 127 -13.63 -5.15 29.66
C CYS E 127 -12.98 -5.98 30.76
N ARG E 128 -12.79 -7.27 30.49
CA ARG E 128 -12.25 -8.17 31.50
C ARG E 128 -10.95 -8.80 31.01
N GLU E 129 -9.97 -8.91 31.91
CA GLU E 129 -8.72 -9.57 31.58
C GLU E 129 -8.89 -11.07 31.51
N ILE E 130 -8.09 -11.70 30.65
CA ILE E 130 -8.08 -13.16 30.53
C ILE E 130 -6.90 -13.68 31.32
N TYR E 131 -7.04 -14.90 31.85
CA TYR E 131 -6.04 -15.51 32.73
C TYR E 131 -5.67 -16.88 32.20
N CYS E 132 -4.37 -17.14 32.16
CA CYS E 132 -3.83 -18.39 31.66
C CYS E 132 -4.01 -19.45 32.74
N PRO E 133 -3.95 -20.74 32.39
CA PRO E 133 -4.09 -21.79 33.41
C PRO E 133 -2.90 -21.85 34.35
N ALA E 134 -2.94 -22.83 35.26
CA ALA E 134 -2.00 -22.85 36.38
C ALA E 134 -0.56 -23.16 35.98
N PRO E 135 -0.24 -24.18 35.15
CA PRO E 135 -0.88 -25.37 34.57
C PRO E 135 -0.51 -26.62 35.40
N PRO E 136 -1.11 -27.80 35.13
CA PRO E 136 -0.66 -28.98 35.87
C PRO E 136 0.73 -29.42 35.41
N GLN E 137 1.73 -29.07 36.21
CA GLN E 137 3.14 -29.20 35.89
C GLN E 137 3.86 -29.57 37.19
N ILE E 138 4.97 -30.33 37.11
CA ILE E 138 5.62 -30.92 35.94
C ILE E 138 6.22 -32.23 36.44
N ASP E 139 6.69 -33.10 35.53
CA ASP E 139 7.45 -34.27 35.92
C ASP E 139 8.90 -33.86 36.04
N ASN E 140 9.60 -34.45 37.00
CA ASN E 140 11.03 -34.38 37.35
C ASN E 140 11.60 -32.95 37.46
N GLY E 141 10.77 -31.94 37.71
CA GLY E 141 11.26 -30.58 37.81
C GLY E 141 10.69 -29.91 39.04
N ILE E 142 10.73 -28.57 39.03
CA ILE E 142 10.29 -27.78 40.16
C ILE E 142 9.86 -26.41 39.64
N ILE E 143 9.07 -25.69 40.43
CA ILE E 143 8.61 -24.36 40.04
C ILE E 143 9.45 -23.30 40.73
N GLN E 144 9.84 -22.28 39.97
CA GLN E 144 10.54 -21.11 40.50
C GLN E 144 9.65 -19.89 40.33
N GLY E 145 9.25 -19.29 41.45
CA GLY E 145 8.47 -18.05 41.38
C GLY E 145 7.04 -18.26 40.93
N GLU E 146 6.22 -18.90 41.76
CA GLU E 146 4.84 -19.19 41.37
C GLU E 146 3.88 -18.12 41.85
N ARG E 147 3.32 -17.37 40.89
CA ARG E 147 2.15 -16.54 41.12
C ARG E 147 0.91 -17.32 40.70
N ASP E 148 -0.23 -17.02 41.32
CA ASP E 148 -1.41 -17.84 41.10
C ASP E 148 -2.04 -17.56 39.73
N HIS E 149 -1.99 -16.31 39.28
CA HIS E 149 -2.63 -15.90 38.03
C HIS E 149 -1.55 -15.54 37.02
N TYR E 150 -1.67 -16.12 35.82
CA TYR E 150 -0.74 -15.86 34.73
C TYR E 150 -1.47 -15.10 33.63
N GLY E 151 -0.88 -13.99 33.19
CA GLY E 151 -1.52 -13.15 32.20
C GLY E 151 -0.80 -13.13 30.87
N TYR E 152 -0.85 -11.98 30.20
CA TYR E 152 -0.23 -11.84 28.89
C TYR E 152 1.28 -11.78 29.00
N ARG E 153 1.94 -12.59 28.18
CA ARG E 153 3.40 -12.62 27.95
C ARG E 153 4.23 -13.00 29.18
N GLN E 154 3.60 -13.40 30.28
CA GLN E 154 4.36 -13.82 31.46
C GLN E 154 4.72 -15.29 31.35
N SER E 155 5.97 -15.58 31.68
CA SER E 155 6.55 -16.90 31.46
C SER E 155 6.65 -17.67 32.75
N VAL E 156 6.34 -18.95 32.70
CA VAL E 156 6.69 -19.89 33.75
C VAL E 156 8.11 -20.38 33.45
N THR E 157 8.82 -20.78 34.49
CA THR E 157 10.18 -21.29 34.31
C THR E 157 10.36 -22.51 35.21
N TYR E 158 10.83 -23.61 34.64
CA TYR E 158 10.91 -24.88 35.33
C TYR E 158 12.34 -25.40 35.28
N ALA E 159 12.94 -25.55 36.45
CA ALA E 159 14.24 -26.18 36.59
C ALA E 159 14.07 -27.64 36.99
N CYS E 160 14.75 -28.52 36.26
CA CYS E 160 14.79 -29.94 36.58
C CYS E 160 15.65 -30.16 37.81
N ASN E 161 15.28 -31.16 38.61
CA ASN E 161 15.91 -31.40 39.90
C ASN E 161 17.32 -31.94 39.72
N LYS E 162 18.09 -31.88 40.82
CA LYS E 162 19.48 -32.32 40.82
C LYS E 162 19.54 -33.83 40.66
N GLY E 163 19.89 -34.28 39.46
CA GLY E 163 19.89 -35.69 39.13
C GLY E 163 19.22 -35.95 37.79
N PHE E 164 18.98 -34.90 37.02
CA PHE E 164 18.31 -35.02 35.74
C PHE E 164 18.89 -34.01 34.76
N THR E 165 19.14 -34.45 33.53
CA THR E 165 19.69 -33.60 32.49
C THR E 165 18.62 -33.18 31.50
N MET E 166 18.89 -32.09 30.79
CA MET E 166 17.86 -31.37 30.04
C MET E 166 17.45 -32.10 28.76
N ILE E 167 16.19 -31.90 28.38
CA ILE E 167 15.73 -32.13 27.00
C ILE E 167 15.11 -30.81 26.57
N GLY E 168 15.90 -29.96 25.93
CA GLY E 168 15.39 -28.71 25.43
C GLY E 168 15.45 -27.57 26.42
N GLU E 169 14.62 -26.57 26.15
CA GLU E 169 14.63 -25.31 26.88
C GLU E 169 13.93 -25.44 28.23
N HIS E 170 13.73 -24.30 28.88
CA HIS E 170 13.15 -24.24 30.22
C HIS E 170 11.81 -23.50 30.27
N SER E 171 11.75 -22.29 29.73
CA SER E 171 10.64 -21.38 29.99
C SER E 171 9.70 -21.29 28.79
N ILE E 172 8.42 -21.55 29.04
CA ILE E 172 7.36 -21.27 28.08
C ILE E 172 6.52 -20.13 28.62
N TYR E 173 5.74 -19.50 27.75
CA TYR E 173 4.96 -18.33 28.12
C TYR E 173 3.53 -18.51 27.61
N CYS E 174 2.69 -17.51 27.85
CA CYS E 174 1.29 -17.57 27.50
C CYS E 174 1.02 -16.76 26.23
N THR E 175 0.11 -17.27 25.39
CA THR E 175 -0.22 -16.60 24.15
C THR E 175 -1.70 -16.24 24.15
N VAL E 176 -2.10 -15.53 23.10
CA VAL E 176 -3.50 -15.23 22.79
C VAL E 176 -3.71 -15.55 21.32
N ASN E 177 -4.73 -16.35 21.02
CA ASN E 177 -5.10 -16.57 19.63
C ASN E 177 -6.59 -16.28 19.42
N ASN E 178 -7.40 -16.63 20.40
CA ASN E 178 -8.81 -16.26 20.50
C ASN E 178 -9.02 -15.61 21.86
N ASP E 179 -10.29 -15.45 22.26
CA ASP E 179 -10.58 -14.72 23.49
C ASP E 179 -10.22 -15.53 24.74
N GLU E 180 -9.88 -16.80 24.59
CA GLU E 180 -9.57 -17.62 25.75
C GLU E 180 -8.20 -18.30 25.59
N GLY E 181 -7.34 -18.11 26.59
CA GLY E 181 -6.04 -18.76 26.59
C GLY E 181 -5.10 -18.20 25.54
N GLU E 182 -4.03 -18.93 25.22
CA GLU E 182 -3.63 -20.21 25.81
C GLU E 182 -2.12 -20.27 25.96
N TRP E 183 -1.58 -21.44 26.30
CA TRP E 183 -0.14 -21.59 26.43
C TRP E 183 0.52 -21.72 25.05
N SER E 184 1.83 -21.52 25.02
CA SER E 184 2.58 -21.42 23.77
C SER E 184 3.07 -22.76 23.24
N GLY E 185 3.67 -23.60 24.08
CA GLY E 185 4.29 -24.82 23.61
C GLY E 185 4.16 -25.98 24.56
N PRO E 186 4.89 -27.06 24.28
CA PRO E 186 4.80 -28.25 25.12
C PRO E 186 5.72 -28.13 26.34
N PRO E 187 5.40 -28.82 27.43
CA PRO E 187 6.26 -28.76 28.61
C PRO E 187 7.53 -29.54 28.40
N PRO E 188 8.62 -29.17 29.07
CA PRO E 188 9.87 -29.92 28.94
C PRO E 188 9.85 -31.22 29.72
N GLU E 189 10.93 -31.98 29.55
CA GLU E 189 11.15 -33.29 30.16
C GLU E 189 12.65 -33.41 30.48
N CYS E 190 13.01 -34.30 31.40
CA CYS E 190 14.41 -34.48 31.74
C CYS E 190 14.70 -35.97 31.97
N ARG E 191 15.90 -36.39 31.57
CA ARG E 191 16.23 -37.81 31.53
C ARG E 191 16.88 -38.32 32.81
N GLY E 192 18.04 -37.78 33.16
CA GLY E 192 18.84 -38.35 34.23
C GLY E 192 19.62 -39.57 33.78
#